data_1KKO
#
_entry.id   1KKO
#
_cell.length_a   128.339
_cell.length_b   237.362
_cell.length_c   65.806
_cell.angle_alpha   90.00
_cell.angle_beta   90.00
_cell.angle_gamma   90.00
#
_symmetry.space_group_name_H-M   'C 2 2 2'
#
loop_
_entity.id
_entity.type
_entity.pdbx_description
1 polymer '3-METHYLASPARTATE AMMONIA-LYASE'
2 non-polymer 'SULFATE ION'
3 water water
#
_entity_poly.entity_id   1
_entity_poly.type   'polypeptide(L)'
_entity_poly.pdbx_seq_one_letter_code
;(MSE)KIKQALFTAGYSSFYFDDQQAIKNGAGHDGFIYTGDPVTPGFTSVRQAGECVSVQLILENGAVAVGDCAAVQYSG
AGGRDPLFLAEHFIPFLNDHIKPLLEGRDVDAFLPNARFFDKLRIDGNLLHTAVRYGLSQALLDATALASGRLKTEVVCD
EWQLPCVPEAIPLFGQSGDDRYIAVDK(MSE)ILKGVDVLPHALINNVEEKLGFKGEKLREYVRWLSDRILSLRSSPRYH
PTLHIDVYGTIGLIFD(MSE)DPVRCAEYIASLEKEAQGLPLYIEGPVDAGNKPDQIR(MSE)LTAITKELTRLGSGVKI
VADEWCNTYQDIVDFTDAGSCH(MSE)VQIKTPDLGGIHNIVDAVLYCNKHG(MSE)EAYQGGTCNETEISARTCVHVAL
AARP(MSE)R(MSE)LIKPG(MSE)GFDEGLNIVFNE(MSE)NRTIALLQTKD
;
_entity_poly.pdbx_strand_id   A,B
#
# COMPACT_ATOMS: atom_id res chain seq x y z
N LYS A 2 -18.22 21.75 15.60
CA LYS A 2 -18.91 20.47 15.63
C LYS A 2 -18.77 19.60 14.38
N ILE A 3 -18.98 18.32 14.59
CA ILE A 3 -19.17 17.37 13.51
C ILE A 3 -20.60 17.57 13.01
N LYS A 4 -20.74 17.79 11.71
CA LYS A 4 -22.04 17.92 11.08
C LYS A 4 -22.63 16.56 10.71
N GLN A 5 -21.80 15.70 10.12
CA GLN A 5 -22.28 14.41 9.63
C GLN A 5 -21.20 13.37 9.83
N ALA A 6 -21.62 12.16 10.20
CA ALA A 6 -20.70 11.03 10.34
C ALA A 6 -21.11 9.94 9.36
N LEU A 7 -20.13 9.39 8.63
CA LEU A 7 -20.39 8.37 7.63
C LEU A 7 -19.50 7.17 7.89
N PHE A 8 -20.06 5.99 7.68
CA PHE A 8 -19.36 4.72 7.85
C PHE A 8 -19.43 3.94 6.54
N THR A 9 -18.29 3.54 6.01
CA THR A 9 -18.25 2.80 4.75
C THR A 9 -17.36 1.57 4.86
N ALA A 10 -17.91 0.46 4.41
CA ALA A 10 -17.19 -0.81 4.40
C ALA A 10 -16.05 -0.76 3.41
N GLY A 11 -14.95 -1.43 3.74
CA GLY A 11 -13.83 -1.53 2.81
C GLY A 11 -12.99 -2.74 3.11
N TYR A 12 -11.93 -2.86 2.32
CA TYR A 12 -10.95 -3.91 2.52
C TYR A 12 -9.71 -3.33 3.17
N SER A 13 -9.20 -4.04 4.16
CA SER A 13 -7.91 -3.70 4.77
C SER A 13 -6.81 -4.36 3.94
N SER A 14 -5.55 -4.16 4.34
CA SER A 14 -4.43 -4.53 3.48
C SER A 14 -3.88 -5.93 3.67
N PHE A 15 -4.61 -6.80 4.38
CA PHE A 15 -4.21 -8.19 4.37
C PHE A 15 -5.44 -9.08 4.58
N TYR A 16 -5.31 -10.06 5.46
CA TYR A 16 -6.30 -11.11 5.70
C TYR A 16 -6.43 -11.33 7.18
N PHE A 17 -7.59 -11.78 7.60
CA PHE A 17 -7.80 -12.34 8.93
C PHE A 17 -7.46 -13.82 8.81
N ASP A 18 -6.51 -14.26 9.63
CA ASP A 18 -6.09 -15.66 9.63
C ASP A 18 -6.37 -16.27 10.99
N ASP A 19 -6.88 -17.49 10.96
CA ASP A 19 -7.15 -18.25 12.16
C ASP A 19 -5.82 -18.87 12.58
N GLN A 20 -5.08 -18.16 13.44
CA GLN A 20 -3.73 -18.55 13.83
C GLN A 20 -3.73 -19.94 14.47
N GLN A 21 -4.75 -20.24 15.24
CA GLN A 21 -4.81 -21.53 15.91
C GLN A 21 -4.91 -22.64 14.88
N ALA A 22 -5.79 -22.47 13.90
CA ALA A 22 -5.99 -23.50 12.87
C ALA A 22 -4.72 -23.70 12.07
N ILE A 23 -3.99 -22.62 11.82
CA ILE A 23 -2.74 -22.71 11.10
C ILE A 23 -1.69 -23.44 11.95
N LYS A 24 -1.62 -23.09 13.23
CA LYS A 24 -0.70 -23.76 14.16
C LYS A 24 -1.03 -25.23 14.25
N ASN A 25 -2.32 -25.54 14.20
CA ASN A 25 -2.81 -26.93 14.24
C ASN A 25 -2.33 -27.75 13.05
N GLY A 26 -1.81 -27.09 12.01
CA GLY A 26 -1.28 -27.77 10.85
C GLY A 26 -2.07 -27.64 9.55
N ALA A 27 -2.99 -26.68 9.48
CA ALA A 27 -3.82 -26.52 8.28
C ALA A 27 -2.97 -26.55 7.04
N GLY A 28 -3.40 -27.35 6.08
CA GLY A 28 -2.71 -27.43 4.82
C GLY A 28 -3.14 -26.24 4.00
N HIS A 29 -2.62 -26.15 2.79
CA HIS A 29 -3.00 -25.07 1.94
C HIS A 29 -3.06 -25.50 0.51
N ASP A 30 -3.77 -24.68 -0.25
CA ASP A 30 -3.95 -24.86 -1.67
C ASP A 30 -3.79 -23.44 -2.19
N GLY A 31 -2.65 -23.15 -2.77
CA GLY A 31 -2.33 -21.80 -3.18
C GLY A 31 -2.30 -20.92 -1.94
N PHE A 32 -3.07 -19.83 -1.98
CA PHE A 32 -3.15 -18.90 -0.85
C PHE A 32 -4.18 -19.30 0.17
N ILE A 33 -4.94 -20.34 -0.11
CA ILE A 33 -6.08 -20.73 0.71
C ILE A 33 -5.69 -21.82 1.70
N TYR A 34 -5.98 -21.60 2.97
CA TYR A 34 -5.78 -22.65 3.97
C TYR A 34 -6.96 -23.59 3.95
N THR A 35 -6.69 -24.90 4.05
CA THR A 35 -7.74 -25.90 4.00
C THR A 35 -8.17 -26.34 5.40
N GLY A 36 -9.20 -27.20 5.42
CA GLY A 36 -9.77 -27.63 6.68
C GLY A 36 -10.71 -26.59 7.24
N ASP A 37 -11.21 -26.86 8.44
CA ASP A 37 -12.14 -25.97 9.12
C ASP A 37 -11.39 -25.06 10.09
N PRO A 38 -11.93 -23.86 10.30
CA PRO A 38 -11.36 -22.97 11.30
C PRO A 38 -11.79 -23.45 12.67
N VAL A 39 -11.11 -23.00 13.72
CA VAL A 39 -11.44 -23.35 15.10
C VAL A 39 -11.68 -22.12 15.98
N THR A 40 -11.18 -20.96 15.56
CA THR A 40 -11.32 -19.74 16.34
C THR A 40 -12.69 -19.12 16.15
N PRO A 41 -13.33 -18.73 17.25
CA PRO A 41 -14.68 -18.17 17.18
C PRO A 41 -14.74 -16.97 16.23
N GLY A 42 -15.79 -16.92 15.42
CA GLY A 42 -15.98 -15.84 14.48
C GLY A 42 -15.56 -16.23 13.08
N PHE A 43 -14.52 -17.05 12.98
CA PHE A 43 -14.00 -17.45 11.68
C PHE A 43 -14.88 -18.48 11.01
N THR A 44 -15.21 -18.23 9.76
CA THR A 44 -15.95 -19.21 8.96
C THR A 44 -15.02 -19.88 7.95
N SER A 45 -13.81 -19.35 7.77
CA SER A 45 -12.76 -19.98 6.96
C SER A 45 -11.45 -19.75 7.69
N VAL A 46 -10.43 -20.54 7.42
CA VAL A 46 -9.15 -20.34 8.09
C VAL A 46 -8.55 -18.97 7.72
N ARG A 47 -8.74 -18.57 6.47
CA ARG A 47 -8.27 -17.28 6.00
C ARG A 47 -9.45 -16.56 5.35
N GLN A 48 -9.65 -15.31 5.75
CA GLN A 48 -10.74 -14.47 5.25
C GLN A 48 -10.18 -13.11 4.84
N ALA A 49 -10.78 -12.52 3.82
CA ALA A 49 -10.39 -11.18 3.39
C ALA A 49 -10.39 -10.22 4.56
N GLY A 50 -9.36 -9.41 4.69
CA GLY A 50 -9.33 -8.40 5.71
C GLY A 50 -10.30 -7.28 5.37
N GLU A 51 -11.02 -6.81 6.39
CA GLU A 51 -12.01 -5.76 6.21
C GLU A 51 -11.78 -4.61 7.14
N CYS A 52 -12.28 -3.45 6.76
CA CYS A 52 -12.25 -2.28 7.61
C CYS A 52 -13.55 -1.52 7.46
N VAL A 53 -13.74 -0.54 8.33
CA VAL A 53 -14.83 0.41 8.18
C VAL A 53 -14.23 1.80 8.26
N SER A 54 -14.37 2.57 7.18
CA SER A 54 -13.90 3.93 7.18
C SER A 54 -14.90 4.83 7.87
N VAL A 55 -14.37 5.71 8.71
CA VAL A 55 -15.14 6.72 9.41
C VAL A 55 -14.80 8.05 8.77
N GLN A 56 -15.82 8.79 8.34
CA GLN A 56 -15.62 10.12 7.82
C GLN A 56 -16.50 11.06 8.64
N LEU A 57 -15.89 12.15 9.10
CA LEU A 57 -16.60 13.14 9.90
C LEU A 57 -16.54 14.45 9.14
N ILE A 58 -17.69 14.87 8.62
CA ILE A 58 -17.78 16.15 7.93
C ILE A 58 -18.01 17.19 9.01
N LEU A 59 -17.11 18.16 9.07
CA LEU A 59 -17.18 19.21 10.08
C LEU A 59 -17.93 20.44 9.58
N GLU A 60 -18.27 21.34 10.50
CA GLU A 60 -18.97 22.57 10.13
C GLU A 60 -18.21 23.40 9.12
N ASN A 61 -16.87 23.36 9.15
CA ASN A 61 -16.06 24.14 8.21
C ASN A 61 -15.91 23.45 6.84
N GLY A 62 -16.58 22.31 6.65
CA GLY A 62 -16.55 21.56 5.41
C GLY A 62 -15.45 20.53 5.32
N ALA A 63 -14.53 20.52 6.29
CA ALA A 63 -13.43 19.56 6.26
C ALA A 63 -13.98 18.17 6.52
N VAL A 64 -13.27 17.17 6.02
CA VAL A 64 -13.66 15.80 6.23
C VAL A 64 -12.54 15.06 6.92
N ALA A 65 -12.79 14.71 8.19
CA ALA A 65 -11.82 13.96 8.99
C ALA A 65 -12.01 12.48 8.73
N VAL A 66 -10.91 11.73 8.72
CA VAL A 66 -10.95 10.32 8.40
C VAL A 66 -10.21 9.42 9.39
N GLY A 67 -10.73 8.21 9.52
CA GLY A 67 -10.10 7.19 10.33
C GLY A 67 -10.62 5.85 9.87
N ASP A 68 -9.87 4.78 10.14
CA ASP A 68 -10.29 3.44 9.75
C ASP A 68 -10.32 2.48 10.91
N CYS A 69 -11.48 1.85 11.07
CA CYS A 69 -11.64 0.76 12.00
C CYS A 69 -10.97 -0.46 11.36
N ALA A 70 -10.01 -1.05 12.05
CA ALA A 70 -9.25 -2.18 11.52
C ALA A 70 -8.76 -3.01 12.68
N ALA A 71 -8.49 -4.28 12.41
CA ALA A 71 -8.08 -5.24 13.41
C ALA A 71 -6.92 -6.07 12.88
N VAL A 72 -6.19 -6.69 13.80
CA VAL A 72 -4.99 -7.42 13.40
C VAL A 72 -5.28 -8.70 12.63
N GLN A 73 -4.26 -9.16 11.91
CA GLN A 73 -4.34 -10.37 11.12
C GLN A 73 -4.81 -11.54 11.97
N TYR A 74 -4.13 -11.76 13.10
CA TYR A 74 -4.47 -12.88 13.97
C TYR A 74 -5.49 -12.44 15.02
N SER A 75 -6.66 -12.03 14.53
CA SER A 75 -7.74 -11.57 15.40
C SER A 75 -8.31 -12.75 16.18
N GLY A 76 -8.78 -12.48 17.40
CA GLY A 76 -9.34 -13.52 18.23
C GLY A 76 -8.27 -14.37 18.89
N ALA A 77 -7.00 -14.13 18.59
CA ALA A 77 -5.90 -14.86 19.20
C ALA A 77 -5.28 -14.05 20.34
N GLY A 78 -4.70 -14.74 21.32
CA GLY A 78 -3.92 -14.08 22.34
C GLY A 78 -4.62 -13.01 23.16
N GLY A 79 -5.91 -13.18 23.40
CA GLY A 79 -6.68 -12.25 24.19
C GLY A 79 -7.26 -11.09 23.43
N ARG A 80 -7.01 -11.05 22.12
CA ARG A 80 -7.50 -9.95 21.29
C ARG A 80 -8.98 -10.07 21.00
N ASP A 81 -9.56 -8.96 20.57
CA ASP A 81 -10.95 -8.96 20.17
C ASP A 81 -11.10 -9.79 18.90
N PRO A 82 -12.32 -10.19 18.59
CA PRO A 82 -12.59 -11.06 17.44
C PRO A 82 -12.31 -10.44 16.07
N LEU A 83 -12.30 -11.24 14.99
CA LEU A 83 -12.12 -10.64 13.67
C LEU A 83 -13.27 -9.66 13.44
N PHE A 84 -13.00 -8.71 12.57
CA PHE A 84 -13.83 -7.53 12.39
C PHE A 84 -14.38 -7.46 10.98
N LEU A 85 -15.67 -7.74 10.84
CA LEU A 85 -16.34 -7.76 9.53
C LEU A 85 -17.35 -6.61 9.39
N ALA A 86 -17.28 -5.89 8.27
CA ALA A 86 -18.12 -4.72 8.07
C ALA A 86 -19.62 -5.01 8.10
N GLU A 87 -20.02 -6.18 7.60
CA GLU A 87 -21.43 -6.54 7.50
C GLU A 87 -22.13 -6.26 8.80
N HIS A 88 -21.54 -6.72 9.89
CA HIS A 88 -22.10 -6.61 11.21
C HIS A 88 -21.98 -5.19 11.74
N PHE A 89 -20.83 -4.59 11.52
CA PHE A 89 -20.56 -3.31 12.15
C PHE A 89 -21.18 -2.08 11.51
N ILE A 90 -21.48 -2.11 10.21
CA ILE A 90 -22.05 -0.93 9.56
C ILE A 90 -23.37 -0.53 10.23
N PRO A 91 -24.34 -1.44 10.33
CA PRO A 91 -25.61 -1.10 10.99
C PRO A 91 -25.43 -0.71 12.45
N PHE A 92 -24.55 -1.43 13.14
CA PHE A 92 -24.23 -1.15 14.54
C PHE A 92 -23.75 0.30 14.69
N LEU A 93 -22.81 0.69 13.84
CA LEU A 93 -22.25 2.04 13.91
C LEU A 93 -23.27 3.12 13.54
N ASN A 94 -24.05 2.87 12.49
CA ASN A 94 -25.06 3.85 12.09
C ASN A 94 -26.11 4.02 13.19
N ASP A 95 -26.50 2.92 13.82
CA ASP A 95 -27.55 2.95 14.84
C ASP A 95 -27.08 3.51 16.17
N HIS A 96 -25.92 3.06 16.64
CA HIS A 96 -25.47 3.37 17.99
C HIS A 96 -24.42 4.44 18.12
N ILE A 97 -23.65 4.68 17.06
CA ILE A 97 -22.53 5.60 17.16
C ILE A 97 -22.73 6.90 16.41
N LYS A 98 -23.32 6.83 15.22
CA LYS A 98 -23.59 8.05 14.47
C LYS A 98 -24.24 9.17 15.32
N PRO A 99 -25.29 8.87 16.08
CA PRO A 99 -25.92 9.92 16.90
C PRO A 99 -25.04 10.48 18.01
N LEU A 100 -24.03 9.73 18.40
CA LEU A 100 -23.10 10.19 19.42
C LEU A 100 -22.01 11.06 18.82
N LEU A 101 -21.86 10.99 17.50
CA LEU A 101 -20.85 11.78 16.80
C LEU A 101 -21.40 13.08 16.23
N GLU A 102 -22.58 12.99 15.62
CA GLU A 102 -23.13 14.18 14.98
C GLU A 102 -23.46 15.21 16.07
N GLY A 103 -23.02 16.44 15.84
CA GLY A 103 -23.23 17.52 16.80
C GLY A 103 -22.15 17.60 17.86
N ARG A 104 -21.25 16.62 17.90
CA ARG A 104 -20.20 16.59 18.91
C ARG A 104 -19.12 17.60 18.61
N ASP A 105 -18.67 18.30 19.65
CA ASP A 105 -17.61 19.27 19.50
C ASP A 105 -16.26 18.58 19.39
N VAL A 106 -15.41 19.06 18.49
CA VAL A 106 -14.10 18.47 18.27
C VAL A 106 -12.96 19.44 18.50
N ASP A 107 -13.21 20.54 19.23
CA ASP A 107 -12.12 21.46 19.48
C ASP A 107 -11.00 20.79 20.25
N ALA A 108 -11.34 19.79 21.05
CA ALA A 108 -10.35 18.98 21.73
C ALA A 108 -10.53 17.53 21.29
N PHE A 109 -9.50 16.75 21.52
CA PHE A 109 -9.49 15.33 21.17
C PHE A 109 -9.70 14.37 22.32
N LEU A 110 -8.97 14.58 23.42
CA LEU A 110 -8.95 13.59 24.49
C LEU A 110 -10.29 13.26 25.13
N PRO A 111 -11.11 14.24 25.50
CA PRO A 111 -12.41 13.91 26.08
C PRO A 111 -13.23 13.01 25.16
N ASN A 112 -13.24 13.30 23.85
CA ASN A 112 -13.99 12.45 22.94
C ASN A 112 -13.39 11.05 22.85
N ALA A 113 -12.06 10.99 22.79
CA ALA A 113 -11.39 9.69 22.73
C ALA A 113 -11.72 8.84 23.95
N ARG A 114 -11.67 9.46 25.13
CA ARG A 114 -12.00 8.76 26.36
C ARG A 114 -13.46 8.29 26.38
N PHE A 115 -14.35 9.14 25.91
CA PHE A 115 -15.77 8.79 25.91
C PHE A 115 -16.00 7.51 25.14
N PHE A 116 -15.51 7.45 23.91
CA PHE A 116 -15.70 6.25 23.11
C PHE A 116 -14.88 5.08 23.58
N ASP A 117 -13.76 5.33 24.26
CA ASP A 117 -12.93 4.23 24.71
C ASP A 117 -13.58 3.44 25.84
N LYS A 118 -14.49 4.07 26.57
CA LYS A 118 -15.14 3.46 27.74
C LYS A 118 -16.63 3.18 27.54
N LEU A 119 -17.15 3.53 26.37
CA LEU A 119 -18.55 3.32 26.05
C LEU A 119 -18.92 1.84 26.00
N ARG A 120 -20.07 1.48 26.58
CA ARG A 120 -20.55 0.11 26.50
C ARG A 120 -21.95 0.05 25.88
N ILE A 121 -22.12 -0.87 24.93
CA ILE A 121 -23.38 -1.08 24.23
C ILE A 121 -23.79 -2.51 24.54
N ASP A 122 -24.99 -2.69 25.08
CA ASP A 122 -25.47 -4.01 25.45
C ASP A 122 -24.46 -4.68 26.41
N GLY A 123 -23.79 -3.85 27.21
CA GLY A 123 -22.87 -4.30 28.25
C GLY A 123 -21.39 -4.41 27.87
N ASN A 124 -21.13 -4.35 26.58
CA ASN A 124 -19.79 -4.61 26.06
C ASN A 124 -19.09 -3.37 25.56
N LEU A 125 -17.81 -3.22 25.92
CA LEU A 125 -16.99 -2.15 25.38
C LEU A 125 -17.00 -2.30 23.89
N LEU A 126 -16.87 -1.19 23.20
CA LEU A 126 -16.74 -1.25 21.77
C LEU A 126 -15.52 -2.08 21.39
N HIS A 127 -15.64 -2.80 20.29
CA HIS A 127 -14.55 -3.56 19.74
C HIS A 127 -13.34 -2.63 19.64
N THR A 128 -12.13 -3.14 19.91
CA THR A 128 -10.95 -2.31 19.80
C THR A 128 -10.83 -1.66 18.42
N ALA A 129 -11.25 -2.35 17.37
CA ALA A 129 -11.15 -1.81 16.00
C ALA A 129 -12.01 -0.58 15.83
N VAL A 130 -13.18 -0.57 16.47
CA VAL A 130 -14.08 0.58 16.41
C VAL A 130 -13.47 1.76 17.17
N ARG A 131 -12.97 1.50 18.37
CA ARG A 131 -12.32 2.55 19.12
C ARG A 131 -11.10 3.08 18.37
N TYR A 132 -10.37 2.17 17.71
CA TYR A 132 -9.21 2.56 16.91
C TYR A 132 -9.62 3.52 15.79
N GLY A 133 -10.61 3.14 15.00
CA GLY A 133 -11.04 3.98 13.89
C GLY A 133 -11.70 5.28 14.31
N LEU A 134 -12.58 5.22 15.29
CA LEU A 134 -13.22 6.44 15.77
C LEU A 134 -12.20 7.43 16.28
N SER A 135 -11.24 6.93 17.07
CA SER A 135 -10.25 7.81 17.66
C SER A 135 -9.34 8.44 16.60
N GLN A 136 -9.02 7.70 15.55
CA GLN A 136 -8.25 8.27 14.45
C GLN A 136 -9.01 9.44 13.83
N ALA A 137 -10.28 9.22 13.54
CA ALA A 137 -11.09 10.25 12.92
C ALA A 137 -11.27 11.47 13.85
N LEU A 138 -11.42 11.21 15.15
CA LEU A 138 -11.60 12.31 16.10
C LEU A 138 -10.33 13.14 16.25
N LEU A 139 -9.17 12.50 16.16
CA LEU A 139 -7.91 13.22 16.19
C LEU A 139 -7.78 14.07 14.94
N ASP A 140 -8.10 13.45 13.79
CA ASP A 140 -8.04 14.17 12.53
C ASP A 140 -9.05 15.33 12.56
N ALA A 141 -10.22 15.13 13.19
CA ALA A 141 -11.22 16.19 13.29
C ALA A 141 -10.71 17.40 14.10
N THR A 142 -10.09 17.12 15.24
CA THR A 142 -9.55 18.20 16.06
C THR A 142 -8.49 18.95 15.28
N ALA A 143 -7.66 18.22 14.54
CA ALA A 143 -6.65 18.83 13.70
C ALA A 143 -7.27 19.75 12.63
N LEU A 144 -8.19 19.21 11.86
CA LEU A 144 -8.81 19.95 10.75
C LEU A 144 -9.69 21.11 11.22
N ALA A 145 -10.16 21.02 12.45
CA ALA A 145 -10.99 22.08 13.05
C ALA A 145 -10.17 23.27 13.47
N SER A 146 -8.86 23.08 13.65
CA SER A 146 -8.01 24.08 14.27
C SER A 146 -6.74 24.46 13.52
N GLY A 147 -6.61 24.04 12.27
CA GLY A 147 -5.44 24.36 11.50
C GLY A 147 -4.16 23.75 12.02
N ARG A 148 -4.29 22.61 12.69
CA ARG A 148 -3.12 21.91 13.21
C ARG A 148 -2.96 20.57 12.51
N LEU A 149 -1.75 20.05 12.54
CA LEU A 149 -1.52 18.69 12.10
C LEU A 149 -1.91 17.76 13.24
N LYS A 150 -2.25 16.52 12.93
CA LYS A 150 -2.58 15.56 13.98
C LYS A 150 -1.45 15.47 15.01
N THR A 151 -0.20 15.48 14.56
CA THR A 151 0.94 15.42 15.48
C THR A 151 0.87 16.57 16.49
N GLU A 152 0.52 17.75 16.01
CA GLU A 152 0.48 18.94 16.86
C GLU A 152 -0.61 18.84 17.89
N VAL A 153 -1.73 18.26 17.53
CA VAL A 153 -2.82 18.11 18.49
C VAL A 153 -2.32 17.23 19.63
N VAL A 154 -1.61 16.15 19.32
CA VAL A 154 -1.11 15.25 20.34
C VAL A 154 -0.11 16.01 21.21
N CYS A 155 0.82 16.71 20.59
CA CYS A 155 1.80 17.45 21.40
C CYS A 155 1.14 18.49 22.29
N ASP A 156 0.11 19.15 21.79
CA ASP A 156 -0.60 20.15 22.60
C ASP A 156 -1.34 19.52 23.78
N GLU A 157 -2.10 18.47 23.54
CA GLU A 157 -2.94 17.89 24.60
C GLU A 157 -2.16 17.06 25.61
N TRP A 158 -1.00 16.56 25.23
CA TRP A 158 -0.14 15.81 26.15
C TRP A 158 1.01 16.68 26.62
N GLN A 159 1.03 17.93 26.18
CA GLN A 159 2.08 18.86 26.59
C GLN A 159 3.45 18.28 26.29
N LEU A 160 3.69 17.97 25.01
CA LEU A 160 4.93 17.39 24.53
C LEU A 160 5.65 18.40 23.64
N PRO A 161 6.97 18.35 23.58
CA PRO A 161 7.74 19.38 22.88
C PRO A 161 7.60 19.39 21.38
N CYS A 162 7.33 18.25 20.74
CA CYS A 162 7.14 18.19 19.29
C CYS A 162 8.38 18.56 18.46
N VAL A 163 9.57 18.11 18.84
CA VAL A 163 10.77 18.36 18.04
C VAL A 163 10.72 17.45 16.80
N PRO A 164 10.83 18.03 15.60
CA PRO A 164 10.76 17.26 14.35
C PRO A 164 11.94 16.32 14.18
N GLU A 165 11.67 15.02 14.22
CA GLU A 165 12.73 14.04 14.10
C GLU A 165 12.15 12.69 13.68
N ALA A 166 12.84 12.03 12.76
CA ALA A 166 12.40 10.74 12.27
C ALA A 166 12.40 9.69 13.36
N ILE A 167 11.56 8.68 13.16
CA ILE A 167 11.48 7.51 14.00
C ILE A 167 12.04 6.34 13.19
N PRO A 168 12.88 5.48 13.78
CA PRO A 168 13.36 4.31 13.05
C PRO A 168 12.21 3.41 12.60
N LEU A 169 12.25 2.98 11.35
CA LEU A 169 11.20 2.18 10.75
C LEU A 169 11.64 0.73 10.59
N PHE A 170 10.67 -0.16 10.78
CA PHE A 170 10.89 -1.61 10.78
C PHE A 170 10.05 -2.26 9.70
N GLY A 171 10.70 -2.91 8.75
CA GLY A 171 10.03 -3.60 7.67
C GLY A 171 9.82 -5.08 7.97
N GLN A 172 8.64 -5.59 7.60
CA GLN A 172 8.32 -7.00 7.79
C GLN A 172 8.15 -7.71 6.45
N SER A 173 8.77 -8.88 6.36
CA SER A 173 8.86 -9.64 5.12
C SER A 173 7.76 -10.65 4.86
N GLY A 174 7.06 -11.07 5.90
CA GLY A 174 6.21 -12.23 5.78
C GLY A 174 7.14 -13.41 5.49
N ASP A 175 6.63 -14.43 4.80
CA ASP A 175 7.45 -15.59 4.46
C ASP A 175 8.46 -15.28 3.34
N ASP A 176 8.35 -14.11 2.72
CA ASP A 176 9.24 -13.70 1.63
C ASP A 176 10.56 -13.17 2.23
N ARG A 177 11.15 -13.96 3.13
CA ARG A 177 12.27 -13.50 3.97
C ARG A 177 13.62 -13.33 3.30
N TYR A 178 13.72 -13.66 2.01
CA TYR A 178 14.96 -13.46 1.28
C TYR A 178 14.79 -12.28 0.33
N ILE A 179 13.80 -12.36 -0.55
CA ILE A 179 13.51 -11.28 -1.49
C ILE A 179 13.20 -9.97 -0.78
N ALA A 180 12.43 -10.02 0.31
CA ALA A 180 12.04 -8.79 0.98
C ALA A 180 13.25 -8.09 1.60
N VAL A 181 14.24 -8.86 2.02
CA VAL A 181 15.46 -8.28 2.57
C VAL A 181 16.16 -7.43 1.51
N ASP A 182 16.23 -7.94 0.29
CA ASP A 182 16.84 -7.17 -0.79
C ASP A 182 16.11 -5.85 -1.00
N LYS A 183 14.77 -5.91 -1.01
CA LYS A 183 13.96 -4.71 -1.15
C LYS A 183 14.29 -3.71 -0.06
N ILE A 185 17.01 -3.48 1.82
CA ILE A 185 18.35 -2.92 1.67
C ILE A 185 18.34 -1.84 0.60
N LEU A 186 17.69 -2.13 -0.53
CA LEU A 186 17.59 -1.14 -1.62
C LEU A 186 16.95 0.15 -1.14
N LYS A 187 16.01 0.05 -0.21
CA LYS A 187 15.29 1.22 0.30
C LYS A 187 15.78 1.71 1.67
N GLY A 188 16.98 1.27 2.06
CA GLY A 188 17.67 1.77 3.25
C GLY A 188 16.89 1.67 4.54
N VAL A 189 16.17 0.57 4.72
CA VAL A 189 15.29 0.44 5.87
C VAL A 189 16.10 0.37 7.17
N ASP A 190 15.62 1.07 8.19
CA ASP A 190 16.37 1.18 9.45
C ASP A 190 16.46 -0.13 10.24
N VAL A 191 15.37 -0.90 10.24
CA VAL A 191 15.26 -2.11 11.04
C VAL A 191 14.57 -3.17 10.17
N LEU A 192 15.03 -4.41 10.23
CA LEU A 192 14.51 -5.44 9.34
C LEU A 192 14.88 -6.80 9.89
N PRO A 193 14.26 -7.87 9.39
CA PRO A 193 13.18 -7.92 8.41
C PRO A 193 11.95 -8.67 8.91
N HIS A 194 11.89 -8.93 10.21
CA HIS A 194 10.84 -9.71 10.85
C HIS A 194 10.98 -11.23 10.58
N ALA A 195 10.89 -11.61 9.31
CA ALA A 195 11.19 -12.96 8.81
C ALA A 195 10.19 -14.06 9.14
N LEU A 196 9.14 -13.72 9.89
CA LEU A 196 8.03 -14.64 10.15
C LEU A 196 8.54 -16.06 10.46
N ILE A 197 9.35 -16.16 11.50
CA ILE A 197 9.90 -17.46 11.90
C ILE A 197 8.84 -18.10 12.79
N ASN A 198 7.87 -18.76 12.17
CA ASN A 198 6.71 -19.24 12.89
C ASN A 198 6.50 -20.77 12.85
N ASN A 199 7.55 -21.48 12.44
CA ASN A 199 7.58 -22.94 12.33
C ASN A 199 8.87 -23.46 12.92
N VAL A 200 8.79 -24.49 13.75
CA VAL A 200 10.00 -25.08 14.32
C VAL A 200 10.85 -25.85 13.31
N GLU A 201 10.27 -26.83 12.62
CA GLU A 201 11.10 -27.68 11.76
C GLU A 201 11.73 -26.92 10.60
N GLU A 202 10.97 -26.03 9.98
CA GLU A 202 11.44 -25.42 8.74
C GLU A 202 11.95 -24.00 8.82
N LYS A 203 11.59 -23.28 9.88
CA LYS A 203 11.98 -21.87 9.97
C LYS A 203 12.99 -21.65 11.09
N LEU A 204 12.72 -22.17 12.28
CA LEU A 204 13.66 -22.01 13.37
C LEU A 204 14.72 -23.09 13.32
N GLY A 205 14.26 -24.32 13.06
CA GLY A 205 15.11 -25.49 13.13
C GLY A 205 14.87 -26.15 14.48
N PHE A 206 14.99 -27.47 14.54
CA PHE A 206 14.74 -28.19 15.78
C PHE A 206 15.74 -27.83 16.87
N LYS A 207 16.91 -27.35 16.46
CA LYS A 207 17.93 -26.92 17.39
C LYS A 207 18.28 -25.46 17.18
N GLY A 208 17.45 -24.76 16.40
CA GLY A 208 17.67 -23.35 16.13
C GLY A 208 18.68 -23.10 15.04
N GLU A 209 19.10 -24.17 14.36
CA GLU A 209 20.13 -24.08 13.33
C GLU A 209 19.67 -23.32 12.07
N LYS A 210 18.41 -23.47 11.70
CA LYS A 210 17.90 -22.76 10.52
C LYS A 210 17.90 -21.25 10.79
N LEU A 211 17.42 -20.83 11.94
CA LEU A 211 17.42 -19.41 12.27
C LEU A 211 18.85 -18.91 12.35
N ARG A 212 19.75 -19.71 12.90
CA ARG A 212 21.15 -19.30 12.98
C ARG A 212 21.70 -19.01 11.59
N GLU A 213 21.43 -19.91 10.66
CA GLU A 213 21.89 -19.78 9.30
C GLU A 213 21.23 -18.60 8.61
N TYR A 214 19.96 -18.35 8.95
CA TYR A 214 19.27 -17.20 8.39
C TYR A 214 19.87 -15.86 8.86
N VAL A 215 20.20 -15.75 10.15
CA VAL A 215 20.76 -14.52 10.65
C VAL A 215 22.08 -14.22 9.93
N ARG A 216 22.87 -15.27 9.71
CA ARG A 216 24.14 -15.12 9.02
C ARG A 216 23.92 -14.70 7.58
N TRP A 217 22.94 -15.33 6.93
CA TRP A 217 22.61 -14.98 5.56
C TRP A 217 22.19 -13.51 5.50
N LEU A 218 21.39 -13.11 6.48
CA LEU A 218 20.85 -11.77 6.56
C LEU A 218 21.94 -10.71 6.73
N SER A 219 22.81 -10.89 7.72
CA SER A 219 23.89 -9.94 7.91
C SER A 219 24.85 -9.94 6.71
N ASP A 220 25.14 -11.12 6.17
CA ASP A 220 25.97 -11.20 4.96
C ASP A 220 25.35 -10.41 3.82
N ARG A 221 24.04 -10.55 3.63
CA ARG A 221 23.35 -9.90 2.53
C ARG A 221 23.42 -8.39 2.66
N ILE A 222 23.19 -7.91 3.87
CA ILE A 222 23.26 -6.48 4.16
C ILE A 222 24.67 -5.96 3.88
N LEU A 223 25.68 -6.63 4.43
CA LEU A 223 27.06 -6.19 4.26
C LEU A 223 27.51 -6.28 2.80
N SER A 224 26.97 -7.24 2.05
CA SER A 224 27.30 -7.41 0.63
C SER A 224 26.62 -6.39 -0.29
N LEU A 225 25.32 -6.19 -0.10
CA LEU A 225 24.53 -5.35 -1.00
C LEU A 225 24.51 -3.85 -0.70
N ARG A 226 24.80 -3.46 0.55
CA ARG A 226 24.69 -2.05 0.91
C ARG A 226 25.60 -1.16 0.03
N SER A 227 25.08 0.01 -0.32
CA SER A 227 25.80 0.95 -1.19
C SER A 227 26.83 1.80 -0.46
N SER A 228 26.85 1.75 0.87
CA SER A 228 27.84 2.48 1.65
C SER A 228 27.98 1.81 3.01
N PRO A 229 29.19 1.86 3.59
CA PRO A 229 29.42 1.26 4.90
C PRO A 229 28.73 2.03 6.01
N ARG A 230 28.07 3.12 5.65
CA ARG A 230 27.31 3.91 6.60
C ARG A 230 26.00 3.21 6.95
N TYR A 231 25.57 2.27 6.11
CA TYR A 231 24.31 1.55 6.34
C TYR A 231 24.53 0.43 7.35
N HIS A 232 23.99 0.62 8.55
CA HIS A 232 24.21 -0.28 9.67
C HIS A 232 22.88 -0.49 10.37
N PRO A 233 21.96 -1.21 9.72
CA PRO A 233 20.62 -1.38 10.29
C PRO A 233 20.58 -2.31 11.48
N THR A 234 19.45 -2.26 12.18
CA THR A 234 19.19 -3.18 13.28
C THR A 234 18.40 -4.38 12.77
N LEU A 235 18.73 -5.57 13.28
CA LEU A 235 18.02 -6.79 12.94
C LEU A 235 16.96 -7.07 13.99
N HIS A 236 15.76 -7.40 13.54
CA HIS A 236 14.64 -7.65 14.44
C HIS A 236 13.88 -8.80 13.80
N ILE A 237 13.85 -9.94 14.48
CA ILE A 237 13.25 -11.14 13.98
C ILE A 237 12.22 -11.65 14.98
N ASP A 238 11.04 -11.99 14.48
CA ASP A 238 9.94 -12.47 15.30
C ASP A 238 9.84 -13.97 15.16
N VAL A 239 9.93 -14.67 16.28
CA VAL A 239 9.96 -16.13 16.29
C VAL A 239 8.71 -16.81 16.83
N TYR A 240 7.67 -16.05 17.13
CA TYR A 240 6.36 -16.65 17.44
C TYR A 240 6.42 -17.78 18.45
N GLY A 241 7.20 -17.58 19.51
CA GLY A 241 7.29 -18.53 20.59
C GLY A 241 8.05 -19.81 20.28
N THR A 242 8.63 -19.92 19.09
CA THR A 242 9.24 -21.20 18.71
C THR A 242 10.49 -21.56 19.50
N ILE A 243 11.24 -20.56 19.96
CA ILE A 243 12.43 -20.85 20.74
C ILE A 243 12.05 -21.58 22.04
N GLY A 244 10.98 -21.14 22.69
CA GLY A 244 10.50 -21.81 23.89
C GLY A 244 10.16 -23.28 23.63
N LEU A 245 9.60 -23.54 22.45
CA LEU A 245 9.19 -24.91 22.11
C LEU A 245 10.36 -25.88 22.00
N ILE A 246 11.50 -25.43 21.49
CA ILE A 246 12.63 -26.34 21.32
C ILE A 246 13.50 -26.46 22.54
N PHE A 247 13.31 -25.60 23.53
CA PHE A 247 14.13 -25.67 24.74
C PHE A 247 13.32 -25.97 26.01
N ASP A 248 12.24 -26.73 25.85
CA ASP A 248 11.48 -27.18 27.02
C ASP A 248 10.96 -26.01 27.88
N ASP A 250 12.47 -23.56 28.98
CA ASP A 250 13.49 -23.24 29.97
C ASP A 250 14.09 -21.88 29.61
N PRO A 251 13.82 -20.85 30.42
CA PRO A 251 14.28 -19.51 30.08
C PRO A 251 15.79 -19.41 29.95
N VAL A 252 16.51 -20.18 30.75
CA VAL A 252 17.95 -20.19 30.70
C VAL A 252 18.49 -20.75 29.38
N ARG A 253 17.92 -21.86 28.92
CA ARG A 253 18.35 -22.45 27.65
C ARG A 253 17.94 -21.54 26.49
N CYS A 254 16.78 -20.90 26.63
CA CYS A 254 16.31 -19.96 25.63
C CYS A 254 17.30 -18.81 25.52
N ALA A 255 17.71 -18.27 26.66
CA ALA A 255 18.64 -17.14 26.69
C ALA A 255 20.00 -17.54 26.11
N GLU A 256 20.47 -18.72 26.43
CA GLU A 256 21.73 -19.20 25.89
C GLU A 256 21.70 -19.19 24.37
N TYR A 257 20.63 -19.74 23.80
CA TYR A 257 20.49 -19.81 22.36
C TYR A 257 20.40 -18.41 21.74
N ILE A 258 19.54 -17.56 22.31
CA ILE A 258 19.38 -16.20 21.81
C ILE A 258 20.72 -15.47 21.83
N ALA A 259 21.46 -15.60 22.92
CA ALA A 259 22.76 -14.95 23.04
C ALA A 259 23.72 -15.45 21.95
N SER A 260 23.63 -16.73 21.62
CA SER A 260 24.51 -17.32 20.62
C SER A 260 24.28 -16.77 19.22
N LEU A 261 23.15 -16.11 18.99
CA LEU A 261 22.87 -15.53 17.69
C LEU A 261 23.61 -14.23 17.45
N GLU A 262 24.11 -13.59 18.52
CA GLU A 262 24.75 -12.29 18.35
C GLU A 262 25.89 -12.33 17.34
N LYS A 263 26.71 -13.37 17.40
CA LYS A 263 27.84 -13.48 16.48
C LYS A 263 27.40 -13.49 15.02
N GLU A 264 26.24 -14.09 14.74
CA GLU A 264 25.77 -14.23 13.37
C GLU A 264 25.34 -12.89 12.78
N ALA A 265 25.10 -11.90 13.64
CA ALA A 265 24.66 -10.57 13.21
C ALA A 265 25.81 -9.68 12.72
N GLN A 266 27.04 -10.12 12.94
CA GLN A 266 28.24 -9.40 12.48
C GLN A 266 28.25 -7.91 12.85
N GLY A 267 27.93 -7.60 14.10
CA GLY A 267 27.99 -6.23 14.57
C GLY A 267 26.69 -5.44 14.47
N LEU A 268 25.70 -5.96 13.75
CA LEU A 268 24.40 -5.30 13.64
C LEU A 268 23.62 -5.64 14.89
N PRO A 269 22.98 -4.65 15.53
CA PRO A 269 22.20 -4.94 16.74
C PRO A 269 21.12 -5.95 16.44
N LEU A 270 20.84 -6.84 17.38
CA LEU A 270 19.87 -7.91 17.18
C LEU A 270 18.78 -7.87 18.24
N TYR A 271 17.54 -7.96 17.76
CA TYR A 271 16.37 -8.07 18.59
C TYR A 271 15.60 -9.33 18.21
N ILE A 272 15.15 -10.08 19.22
CA ILE A 272 14.32 -11.26 18.99
C ILE A 272 12.97 -11.02 19.65
N GLU A 273 11.93 -11.00 18.84
CA GLU A 273 10.57 -10.77 19.32
C GLU A 273 9.85 -12.09 19.56
N GLY A 274 9.08 -12.14 20.64
CA GLY A 274 8.29 -13.30 20.96
C GLY A 274 9.08 -14.59 21.13
N PRO A 275 10.13 -14.60 21.94
CA PRO A 275 10.93 -15.83 22.05
C PRO A 275 10.14 -17.03 22.58
N VAL A 276 9.19 -16.78 23.47
CA VAL A 276 8.37 -17.83 24.06
C VAL A 276 6.92 -17.37 24.10
N ASP A 277 6.00 -18.31 24.18
CA ASP A 277 4.59 -18.00 24.37
C ASP A 277 4.09 -18.88 25.51
N ALA A 278 4.00 -18.30 26.70
CA ALA A 278 3.57 -19.01 27.89
C ALA A 278 2.06 -19.22 27.98
N GLY A 279 1.30 -18.66 27.05
CA GLY A 279 -0.13 -18.92 26.97
C GLY A 279 -1.05 -18.08 27.81
N ASN A 280 -0.48 -17.20 28.61
CA ASN A 280 -1.28 -16.27 29.40
C ASN A 280 -0.35 -15.16 29.83
N LYS A 281 -0.95 -14.05 30.21
CA LYS A 281 -0.21 -12.86 30.55
C LYS A 281 0.72 -13.00 31.77
N PRO A 282 0.24 -13.43 32.93
CA PRO A 282 1.16 -13.52 34.08
C PRO A 282 2.36 -14.45 33.83
N ASP A 283 2.14 -15.61 33.22
CA ASP A 283 3.25 -16.51 32.94
C ASP A 283 4.18 -15.94 31.86
N GLN A 284 3.62 -15.20 30.91
CA GLN A 284 4.44 -14.61 29.85
C GLN A 284 5.40 -13.56 30.44
N ILE A 285 4.88 -12.73 31.34
CA ILE A 285 5.70 -11.73 31.99
C ILE A 285 6.83 -12.41 32.77
N ARG A 286 6.50 -13.44 33.54
CA ARG A 286 7.51 -14.15 34.31
C ARG A 286 8.57 -14.80 33.42
N LEU A 288 9.49 -13.97 30.23
CA LEU A 288 10.37 -13.00 29.60
C LEU A 288 11.36 -12.41 30.61
N THR A 289 10.88 -12.18 31.83
CA THR A 289 11.75 -11.63 32.88
C THR A 289 12.93 -12.57 33.11
N ALA A 290 12.65 -13.85 33.19
CA ALA A 290 13.70 -14.85 33.37
C ALA A 290 14.68 -14.90 32.20
N ILE A 291 14.19 -14.80 30.96
CA ILE A 291 15.10 -14.78 29.82
C ILE A 291 15.99 -13.53 29.88
N THR A 292 15.39 -12.39 30.18
CA THR A 292 16.12 -11.14 30.27
C THR A 292 17.22 -11.25 31.34
N LYS A 293 16.86 -11.82 32.48
CA LYS A 293 17.82 -12.02 33.57
C LYS A 293 19.02 -12.83 33.10
N GLU A 294 18.78 -13.93 32.40
CA GLU A 294 19.88 -14.75 31.93
C GLU A 294 20.72 -14.07 30.82
N LEU A 295 20.07 -13.30 29.93
CA LEU A 295 20.80 -12.60 28.89
C LEU A 295 21.81 -11.64 29.52
N THR A 296 21.35 -10.93 30.53
CA THR A 296 22.20 -10.01 31.28
C THR A 296 23.35 -10.78 31.95
N ARG A 297 23.02 -11.89 32.60
CA ARG A 297 24.06 -12.69 33.27
C ARG A 297 25.16 -13.07 32.29
N LEU A 298 24.78 -13.40 31.06
CA LEU A 298 25.72 -13.78 30.03
C LEU A 298 26.47 -12.59 29.42
N GLY A 299 26.02 -11.38 29.71
CA GLY A 299 26.58 -10.18 29.13
C GLY A 299 26.22 -10.03 27.65
N SER A 300 25.10 -10.64 27.25
CA SER A 300 24.66 -10.58 25.86
C SER A 300 24.17 -9.20 25.46
N GLY A 301 24.42 -8.83 24.22
CA GLY A 301 23.93 -7.57 23.68
C GLY A 301 22.62 -7.75 22.93
N VAL A 302 22.11 -8.97 22.90
CA VAL A 302 20.86 -9.26 22.18
C VAL A 302 19.68 -8.87 23.04
N LYS A 303 18.67 -8.25 22.42
CA LYS A 303 17.50 -7.79 23.17
C LYS A 303 16.26 -8.61 22.81
N ILE A 304 15.30 -8.67 23.73
CA ILE A 304 14.04 -9.36 23.45
C ILE A 304 12.86 -8.39 23.52
N VAL A 305 11.85 -8.72 22.72
CA VAL A 305 10.67 -7.90 22.55
C VAL A 305 9.42 -8.68 22.95
N ALA A 306 8.60 -8.12 23.84
CA ALA A 306 7.33 -8.70 24.19
C ALA A 306 6.31 -8.40 23.12
N ASP A 307 5.38 -9.32 22.93
CA ASP A 307 4.32 -9.12 21.95
C ASP A 307 3.07 -9.87 22.42
N GLU A 308 3.09 -11.20 22.31
CA GLU A 308 1.95 -12.00 22.76
C GLU A 308 1.60 -11.71 24.22
N TRP A 309 0.31 -11.54 24.46
CA TRP A 309 -0.29 -11.28 25.78
C TRP A 309 -0.05 -9.86 26.28
N CYS A 310 0.56 -9.02 25.44
CA CYS A 310 0.79 -7.62 25.78
C CYS A 310 -0.03 -6.81 24.79
N ASN A 311 -1.32 -6.66 25.09
CA ASN A 311 -2.28 -6.07 24.15
C ASN A 311 -2.71 -4.65 24.46
N THR A 312 -3.24 -4.45 25.67
CA THR A 312 -3.83 -3.19 26.08
C THR A 312 -2.81 -2.27 26.73
N TYR A 313 -3.25 -1.04 26.95
CA TYR A 313 -2.45 -0.06 27.70
C TYR A 313 -2.02 -0.66 29.04
N GLN A 314 -2.95 -1.23 29.80
CA GLN A 314 -2.59 -1.80 31.09
C GLN A 314 -1.62 -2.97 30.94
N ASP A 315 -1.80 -3.79 29.91
CA ASP A 315 -0.85 -4.87 29.69
C ASP A 315 0.56 -4.31 29.53
N ILE A 316 0.68 -3.26 28.74
CA ILE A 316 1.98 -2.66 28.48
C ILE A 316 2.60 -2.14 29.79
N VAL A 317 1.79 -1.49 30.60
CA VAL A 317 2.23 -1.02 31.92
C VAL A 317 2.74 -2.21 32.74
N ASP A 318 2.01 -3.33 32.72
CA ASP A 318 2.40 -4.50 33.50
C ASP A 318 3.72 -5.12 33.03
N PHE A 319 3.89 -5.26 31.72
CA PHE A 319 5.14 -5.78 31.20
C PHE A 319 6.31 -4.86 31.53
N THR A 320 6.06 -3.55 31.45
CA THR A 320 7.07 -2.54 31.78
C THR A 320 7.45 -2.57 33.25
N ASP A 321 6.46 -2.57 34.13
CA ASP A 321 6.73 -2.51 35.58
C ASP A 321 7.51 -3.71 36.04
N ALA A 322 7.33 -4.85 35.37
CA ALA A 322 8.02 -6.08 35.74
C ALA A 322 9.47 -6.12 35.25
N GLY A 323 9.89 -5.16 34.42
CA GLY A 323 11.23 -5.20 33.86
C GLY A 323 11.41 -6.47 33.05
N SER A 324 10.36 -6.85 32.32
CA SER A 324 10.32 -8.17 31.73
C SER A 324 11.13 -8.36 30.46
N CYS A 325 11.48 -7.28 29.77
CA CYS A 325 12.13 -7.37 28.48
C CYS A 325 12.65 -6.00 28.11
N HIS A 326 13.34 -5.91 26.99
CA HIS A 326 13.95 -4.64 26.59
C HIS A 326 13.03 -3.73 25.82
N VAL A 328 8.78 -3.52 24.05
CA VAL A 328 7.44 -4.08 23.93
C VAL A 328 6.79 -3.63 22.63
N GLN A 329 6.14 -4.54 21.93
CA GLN A 329 5.33 -4.16 20.77
C GLN A 329 3.96 -3.64 21.23
N ILE A 330 3.76 -2.34 21.06
CA ILE A 330 2.49 -1.66 21.28
C ILE A 330 1.76 -1.88 19.94
N LYS A 331 0.94 -2.91 19.89
CA LYS A 331 0.32 -3.35 18.63
C LYS A 331 -0.94 -2.51 18.46
N THR A 332 -0.78 -1.41 17.74
CA THR A 332 -1.72 -0.31 17.83
C THR A 332 -3.21 -0.63 17.79
N PRO A 333 -3.74 -1.46 16.88
CA PRO A 333 -5.20 -1.63 16.87
C PRO A 333 -5.71 -2.26 18.17
N ASP A 334 -4.88 -3.05 18.81
CA ASP A 334 -5.28 -3.74 20.03
C ASP A 334 -5.43 -2.83 21.24
N LEU A 335 -4.95 -1.60 21.16
CA LEU A 335 -5.07 -0.67 22.27
C LEU A 335 -6.39 0.09 22.23
N GLY A 336 -7.20 -0.09 21.19
CA GLY A 336 -8.45 0.65 21.10
C GLY A 336 -8.18 2.09 20.69
N GLY A 337 -8.61 3.06 21.49
CA GLY A 337 -8.40 4.44 21.11
C GLY A 337 -6.92 4.77 21.05
N ILE A 338 -6.53 5.59 20.06
CA ILE A 338 -5.12 5.86 19.83
C ILE A 338 -4.49 6.72 20.92
N HIS A 339 -5.31 7.39 21.73
CA HIS A 339 -4.77 8.10 22.88
C HIS A 339 -4.03 7.10 23.79
N ASN A 340 -4.47 5.85 23.79
CA ASN A 340 -3.82 4.80 24.58
C ASN A 340 -2.43 4.52 24.05
N ILE A 341 -2.21 4.66 22.73
CA ILE A 341 -0.87 4.48 22.19
C ILE A 341 0.06 5.56 22.75
N VAL A 342 -0.41 6.81 22.74
CA VAL A 342 0.40 7.90 23.24
C VAL A 342 0.75 7.63 24.70
N ASP A 343 -0.23 7.28 25.50
CA ASP A 343 0.04 7.04 26.92
C ASP A 343 0.98 5.86 27.10
N ALA A 344 0.81 4.81 26.31
CA ALA A 344 1.70 3.65 26.42
C ALA A 344 3.14 3.99 26.05
N VAL A 345 3.34 4.71 24.97
CA VAL A 345 4.69 5.07 24.55
C VAL A 345 5.35 5.95 25.64
N LEU A 346 4.63 6.94 26.12
CA LEU A 346 5.15 7.82 27.17
C LEU A 346 5.46 7.03 28.44
N TYR A 347 4.63 6.05 28.78
CA TYR A 347 4.87 5.26 29.99
C TYR A 347 6.15 4.46 29.82
N CYS A 348 6.32 3.83 28.66
CA CYS A 348 7.54 3.09 28.37
C CYS A 348 8.75 4.00 28.48
N ASN A 349 8.68 5.14 27.80
CA ASN A 349 9.81 6.06 27.77
C ASN A 349 10.21 6.54 29.17
N LYS A 350 9.22 6.82 30.00
CA LYS A 350 9.47 7.31 31.36
C LYS A 350 10.18 6.27 32.17
N HIS A 351 9.86 5.01 31.94
CA HIS A 351 10.38 3.94 32.76
C HIS A 351 11.57 3.15 32.14
N GLY A 352 12.08 3.62 30.99
CA GLY A 352 13.24 3.01 30.37
C GLY A 352 13.00 1.81 29.47
N GLU A 354 11.91 0.22 25.98
CA GLU A 354 11.90 0.67 24.58
C GLU A 354 10.50 0.42 24.02
N ALA A 355 9.91 1.48 23.48
CA ALA A 355 8.57 1.40 22.90
C ALA A 355 8.65 1.13 21.41
N TYR A 356 8.09 0.00 20.99
CA TYR A 356 7.97 -0.35 19.58
C TYR A 356 6.51 -0.13 19.19
N GLN A 357 6.25 0.95 18.45
CA GLN A 357 4.90 1.27 18.00
C GLN A 357 4.65 0.44 16.75
N GLY A 358 3.98 -0.68 16.98
CA GLY A 358 3.81 -1.67 15.94
C GLY A 358 2.49 -1.52 15.22
N GLY A 359 1.79 -2.62 15.07
CA GLY A 359 0.57 -2.63 14.30
C GLY A 359 0.46 -3.93 13.53
N THR A 360 -0.22 -3.89 12.39
CA THR A 360 -0.48 -5.09 11.63
C THR A 360 -0.43 -4.84 10.15
N CYS A 361 -0.08 -5.88 9.41
CA CYS A 361 -0.22 -5.85 7.96
C CYS A 361 -1.68 -5.69 7.55
N ASN A 362 -2.60 -6.02 8.46
CA ASN A 362 -4.01 -6.05 8.13
C ASN A 362 -4.76 -4.76 8.44
N GLU A 363 -4.07 -3.64 8.55
CA GLU A 363 -4.75 -2.38 8.75
C GLU A 363 -4.75 -1.59 7.44
N THR A 364 -4.80 -0.26 7.49
CA THR A 364 -5.03 0.52 6.27
C THR A 364 -4.06 1.66 6.08
N GLU A 365 -4.16 2.30 4.94
CA GLU A 365 -3.33 3.45 4.65
C GLU A 365 -3.65 4.60 5.59
N ILE A 366 -4.92 4.76 5.95
CA ILE A 366 -5.31 5.83 6.85
C ILE A 366 -4.86 5.54 8.27
N SER A 367 -5.03 4.31 8.74
CA SER A 367 -4.63 4.01 10.10
C SER A 367 -3.12 4.14 10.24
N ALA A 368 -2.38 3.67 9.23
CA ALA A 368 -0.93 3.79 9.27
C ALA A 368 -0.50 5.25 9.24
N ARG A 369 -1.10 6.04 8.37
CA ARG A 369 -0.75 7.44 8.26
C ARG A 369 -1.02 8.15 9.59
N THR A 370 -2.15 7.84 10.21
CA THR A 370 -2.47 8.45 11.50
C THR A 370 -1.46 8.04 12.56
N CYS A 371 -1.05 6.78 12.55
CA CYS A 371 -0.04 6.31 13.47
C CYS A 371 1.28 7.06 13.34
N VAL A 372 1.63 7.50 12.13
CA VAL A 372 2.84 8.29 11.96
C VAL A 372 2.79 9.55 12.83
N HIS A 373 1.64 10.19 12.89
CA HIS A 373 1.50 11.39 13.70
C HIS A 373 1.60 11.11 15.18
N VAL A 374 1.00 10.01 15.61
CA VAL A 374 1.11 9.60 16.99
C VAL A 374 2.58 9.39 17.34
N ALA A 375 3.34 8.74 16.47
CA ALA A 375 4.74 8.44 16.73
C ALA A 375 5.60 9.68 16.75
N LEU A 376 5.37 10.59 15.82
CA LEU A 376 6.19 11.79 15.75
C LEU A 376 6.05 12.61 17.01
N ALA A 377 4.87 12.55 17.63
CA ALA A 377 4.62 13.26 18.87
C ALA A 377 5.17 12.52 20.09
N ALA A 378 4.88 11.23 20.19
CA ALA A 378 5.18 10.46 21.40
C ALA A 378 6.60 9.93 21.49
N ARG A 379 7.25 9.72 20.36
CA ARG A 379 8.65 9.33 20.28
C ARG A 379 8.97 7.90 20.69
N PRO A 380 8.33 6.93 20.05
CA PRO A 380 8.72 5.55 20.29
C PRO A 380 10.11 5.31 19.68
N ARG A 382 10.84 2.70 17.77
CA ARG A 382 10.69 1.96 16.55
C ARG A 382 9.25 2.02 16.11
N LEU A 384 6.55 0.24 13.09
CA LEU A 384 6.33 -0.73 12.02
C LEU A 384 5.92 -0.09 10.70
N ILE A 385 6.57 -0.53 9.62
CA ILE A 385 6.16 -0.18 8.27
C ILE A 385 4.92 -1.02 7.95
N LYS A 386 3.83 -0.35 7.68
CA LYS A 386 2.54 -0.99 7.56
C LYS A 386 1.61 -0.11 6.73
N PRO A 387 0.49 -0.63 6.24
CA PRO A 387 0.09 -2.01 6.35
C PRO A 387 0.63 -2.82 5.18
N GLY A 388 0.09 -4.03 5.00
CA GLY A 388 0.44 -4.87 3.87
C GLY A 388 1.63 -5.77 4.08
N GLY A 390 3.43 -6.46 1.15
CA GLY A 390 4.29 -6.17 0.01
C GLY A 390 5.52 -5.37 0.37
N PHE A 391 5.50 -4.78 1.57
CA PHE A 391 6.55 -3.91 2.12
C PHE A 391 6.67 -2.56 1.40
N ASP A 392 6.76 -2.57 0.09
CA ASP A 392 6.99 -1.31 -0.64
C ASP A 392 5.91 -0.30 -0.36
N GLU A 393 4.67 -0.78 -0.39
CA GLU A 393 3.52 0.09 -0.20
C GLU A 393 3.52 0.68 1.21
N GLY A 394 3.73 -0.15 2.22
CA GLY A 394 3.78 0.34 3.58
C GLY A 394 4.89 1.35 3.76
N LEU A 395 6.03 1.13 3.14
CA LEU A 395 7.12 2.08 3.32
C LEU A 395 6.73 3.42 2.69
N ASN A 396 6.19 3.36 1.48
CA ASN A 396 5.70 4.56 0.82
C ASN A 396 4.74 5.31 1.77
N ILE A 397 3.79 4.60 2.36
CA ILE A 397 2.81 5.23 3.24
C ILE A 397 3.45 5.83 4.50
N VAL A 398 4.25 5.05 5.20
CA VAL A 398 4.79 5.48 6.50
C VAL A 398 5.96 6.46 6.35
N PHE A 399 6.97 6.10 5.57
CA PHE A 399 8.13 6.96 5.41
C PHE A 399 7.74 8.29 4.81
N ASN A 400 6.93 8.30 3.75
CA ASN A 400 6.65 9.56 3.10
C ASN A 400 5.76 10.46 3.96
N GLU A 401 4.78 9.91 4.65
CA GLU A 401 3.97 10.74 5.54
C GLU A 401 4.87 11.32 6.63
N ASN A 403 8.12 12.01 6.53
CA ASN A 403 8.95 13.08 6.02
C ASN A 403 8.17 14.31 5.55
N ARG A 404 6.98 14.11 5.02
CA ARG A 404 6.13 15.23 4.68
C ARG A 404 5.79 16.02 5.93
N THR A 405 5.48 15.31 7.00
CA THR A 405 5.05 15.93 8.23
C THR A 405 6.18 16.66 8.93
N ILE A 406 7.37 16.07 8.94
CA ILE A 406 8.53 16.74 9.49
C ILE A 406 8.75 18.03 8.72
N ALA A 407 8.63 18.00 7.40
CA ALA A 407 8.84 19.21 6.60
C ALA A 407 7.81 20.26 6.97
N LEU A 408 6.55 19.88 7.14
CA LEU A 408 5.53 20.85 7.54
C LEU A 408 5.85 21.46 8.91
N LEU A 409 6.22 20.61 9.85
CA LEU A 409 6.54 21.09 11.20
C LEU A 409 7.70 22.10 11.18
N GLN A 410 8.62 21.91 10.25
CA GLN A 410 9.79 22.77 10.16
C GLN A 410 9.46 24.17 9.59
N THR A 411 8.28 24.34 8.98
CA THR A 411 7.88 25.65 8.45
C THR A 411 7.48 26.57 9.60
N LYS B 2 -4.91 31.71 -2.47
CA LYS B 2 -3.58 31.46 -2.97
C LYS B 2 -2.77 30.44 -2.18
N ILE B 3 -1.78 29.86 -2.85
CA ILE B 3 -0.76 29.04 -2.21
C ILE B 3 0.18 29.99 -1.46
N LYS B 4 0.43 29.69 -0.20
CA LYS B 4 1.37 30.46 0.60
C LYS B 4 2.78 29.89 0.48
N GLN B 5 2.90 28.57 0.56
CA GLN B 5 4.22 27.94 0.54
C GLN B 5 4.14 26.60 -0.19
N ALA B 6 5.19 26.27 -0.93
CA ALA B 6 5.27 25.00 -1.63
C ALA B 6 6.47 24.24 -1.12
N LEU B 7 6.23 23.00 -0.67
CA LEU B 7 7.29 22.15 -0.17
C LEU B 7 7.42 20.91 -1.04
N PHE B 8 8.64 20.46 -1.22
CA PHE B 8 8.96 19.27 -2.00
C PHE B 8 9.78 18.35 -1.13
N THR B 9 9.33 17.12 -0.97
CA THR B 9 10.02 16.17 -0.11
C THR B 9 10.24 14.84 -0.82
N ALA B 10 11.46 14.34 -0.75
CA ALA B 10 11.82 13.07 -1.35
C ALA B 10 11.12 11.94 -0.65
N GLY B 11 10.74 10.93 -1.41
CA GLY B 11 10.16 9.74 -0.83
C GLY B 11 10.42 8.54 -1.70
N TYR B 12 9.93 7.42 -1.21
CA TYR B 12 9.98 6.19 -1.97
C TYR B 12 8.60 5.93 -2.56
N SER B 13 8.56 5.52 -3.83
CA SER B 13 7.33 5.09 -4.45
C SER B 13 7.14 3.61 -4.14
N SER B 14 6.06 3.02 -4.64
CA SER B 14 5.70 1.68 -4.23
C SER B 14 6.30 0.54 -5.03
N PHE B 15 7.28 0.81 -5.89
CA PHE B 15 8.01 -0.27 -6.50
C PHE B 15 9.44 0.14 -6.81
N TYR B 16 9.91 -0.18 -8.03
CA TYR B 16 11.30 -0.03 -8.46
C TYR B 16 11.32 0.50 -9.88
N PHE B 17 12.41 1.18 -10.22
CA PHE B 17 12.68 1.55 -11.61
C PHE B 17 13.52 0.42 -12.18
N ASP B 18 13.07 -0.15 -13.30
CA ASP B 18 13.78 -1.25 -13.97
C ASP B 18 14.26 -0.79 -15.34
N ASP B 19 15.50 -1.16 -15.68
CA ASP B 19 16.11 -0.84 -16.96
C ASP B 19 15.67 -1.90 -17.97
N GLN B 20 14.57 -1.61 -18.67
CA GLN B 20 13.95 -2.55 -19.60
C GLN B 20 14.91 -3.14 -20.61
N GLN B 21 15.68 -2.30 -21.28
CA GLN B 21 16.55 -2.84 -22.32
C GLN B 21 17.71 -3.63 -21.72
N ALA B 22 18.15 -3.27 -20.51
CA ALA B 22 19.21 -4.02 -19.85
C ALA B 22 18.72 -5.43 -19.53
N ILE B 23 17.44 -5.55 -19.17
CA ILE B 23 16.85 -6.83 -18.80
C ILE B 23 16.63 -7.78 -19.98
N LYS B 24 15.56 -7.57 -20.75
CA LYS B 24 15.25 -8.45 -21.89
C LYS B 24 16.48 -8.79 -22.72
N ASN B 25 17.54 -8.02 -22.56
CA ASN B 25 18.80 -8.29 -23.23
C ASN B 25 19.49 -9.49 -22.58
N GLY B 26 19.84 -9.36 -21.29
CA GLY B 26 20.47 -10.45 -20.58
C GLY B 26 20.94 -10.20 -19.15
N ALA B 27 20.51 -9.11 -18.52
CA ALA B 27 20.92 -8.85 -17.13
C ALA B 27 20.67 -10.07 -16.28
N GLY B 28 21.64 -10.42 -15.45
CA GLY B 28 21.51 -11.57 -14.58
C GLY B 28 20.61 -11.26 -13.39
N HIS B 29 20.39 -12.26 -12.56
CA HIS B 29 19.51 -12.12 -11.42
C HIS B 29 20.18 -12.67 -10.19
N ASP B 30 19.98 -12.00 -9.06
CA ASP B 30 20.47 -12.50 -7.79
C ASP B 30 19.44 -12.09 -6.76
N GLY B 31 18.57 -13.01 -6.39
CA GLY B 31 17.48 -12.66 -5.49
C GLY B 31 16.62 -11.61 -6.19
N PHE B 32 16.41 -10.47 -5.55
CA PHE B 32 15.59 -9.40 -6.12
C PHE B 32 16.40 -8.46 -7.00
N ILE B 33 17.72 -8.59 -6.91
CA ILE B 33 18.65 -7.69 -7.59
C ILE B 33 18.95 -8.18 -9.02
N TYR B 34 19.09 -7.25 -9.97
CA TYR B 34 19.55 -7.63 -11.31
C TYR B 34 21.03 -7.32 -11.32
N THR B 35 21.81 -8.13 -12.04
CA THR B 35 23.24 -7.92 -12.11
C THR B 35 23.63 -7.35 -13.45
N GLY B 36 24.84 -6.84 -13.50
CA GLY B 36 25.34 -6.27 -14.72
C GLY B 36 25.09 -4.79 -14.66
N ASP B 37 25.13 -4.14 -15.82
CA ASP B 37 25.03 -2.70 -15.80
C ASP B 37 24.10 -2.16 -16.84
N PRO B 38 23.27 -1.23 -16.42
CA PRO B 38 22.34 -0.60 -17.34
C PRO B 38 23.00 0.16 -18.44
N VAL B 39 22.13 0.35 -19.41
CA VAL B 39 22.39 0.98 -20.66
C VAL B 39 21.52 2.25 -20.74
N THR B 40 20.37 2.21 -20.08
CA THR B 40 19.41 3.32 -20.08
C THR B 40 19.95 4.57 -19.36
N PRO B 41 20.02 5.67 -20.12
CA PRO B 41 20.67 6.92 -19.72
C PRO B 41 20.73 7.36 -18.24
N GLY B 42 19.70 7.14 -17.43
CA GLY B 42 19.75 7.63 -16.06
C GLY B 42 20.00 6.61 -14.96
N PHE B 43 19.98 5.34 -15.31
CA PHE B 43 20.09 4.28 -14.31
C PHE B 43 21.49 4.04 -13.77
N THR B 44 21.60 3.88 -12.45
CA THR B 44 22.85 3.56 -11.79
C THR B 44 22.94 2.05 -11.53
N SER B 45 21.78 1.39 -11.65
CA SER B 45 21.67 -0.05 -11.51
C SER B 45 20.53 -0.49 -12.42
N VAL B 46 20.54 -1.75 -12.82
CA VAL B 46 19.47 -2.25 -13.69
C VAL B 46 18.12 -2.12 -12.96
N ARG B 47 18.15 -2.32 -11.64
CA ARG B 47 16.98 -2.13 -10.79
C ARG B 47 17.37 -1.23 -9.62
N GLN B 48 16.58 -0.18 -9.42
CA GLN B 48 16.83 0.78 -8.35
C GLN B 48 15.53 1.07 -7.62
N ALA B 49 15.63 1.49 -6.35
CA ALA B 49 14.43 1.88 -5.58
C ALA B 49 13.60 2.90 -6.32
N GLY B 50 12.30 2.70 -6.35
CA GLY B 50 11.43 3.69 -6.94
C GLY B 50 11.36 4.89 -6.03
N GLU B 51 11.36 6.07 -6.62
CA GLU B 51 11.36 7.31 -5.88
C GLU B 51 10.21 8.18 -6.31
N CYS B 52 9.80 9.06 -5.41
CA CYS B 52 8.82 10.07 -5.73
C CYS B 52 9.25 11.39 -5.10
N VAL B 53 8.56 12.45 -5.47
CA VAL B 53 8.68 13.72 -4.79
C VAL B 53 7.28 14.18 -4.39
N SER B 54 7.05 14.34 -3.09
CA SER B 54 5.78 14.81 -2.62
C SER B 54 5.76 16.32 -2.72
N VAL B 55 4.66 16.82 -3.25
CA VAL B 55 4.39 18.25 -3.33
C VAL B 55 3.35 18.57 -2.28
N GLN B 56 3.66 19.51 -1.40
CA GLN B 56 2.72 19.99 -0.42
C GLN B 56 2.56 21.48 -0.63
N LEU B 57 1.30 21.90 -0.79
CA LEU B 57 0.99 23.29 -1.03
C LEU B 57 0.19 23.78 0.17
N ILE B 58 0.81 24.62 0.97
CA ILE B 58 0.14 25.20 2.12
C ILE B 58 -0.61 26.41 1.61
N LEU B 59 -1.93 26.42 1.77
CA LEU B 59 -2.75 27.51 1.29
C LEU B 59 -2.89 28.59 2.35
N GLU B 60 -3.43 29.73 1.94
CA GLU B 60 -3.67 30.84 2.86
C GLU B 60 -4.61 30.46 4.00
N ASN B 61 -5.55 29.54 3.77
CA ASN B 61 -6.47 29.09 4.82
C ASN B 61 -5.87 28.03 5.74
N GLY B 62 -4.59 27.71 5.56
CA GLY B 62 -3.91 26.72 6.37
C GLY B 62 -4.01 25.29 5.88
N ALA B 63 -4.87 25.03 4.90
CA ALA B 63 -5.00 23.67 4.38
C ALA B 63 -3.72 23.30 3.65
N VAL B 64 -3.48 22.01 3.58
CA VAL B 64 -2.30 21.50 2.92
C VAL B 64 -2.73 20.54 1.82
N ALA B 65 -2.52 20.98 0.58
CA ALA B 65 -2.82 20.18 -0.60
C ALA B 65 -1.63 19.30 -0.95
N VAL B 66 -1.89 18.08 -1.39
CA VAL B 66 -0.83 17.14 -1.64
C VAL B 66 -0.92 16.49 -3.03
N GLY B 67 0.25 16.17 -3.56
CA GLY B 67 0.35 15.43 -4.82
C GLY B 67 1.70 14.78 -4.86
N ASP B 68 1.84 13.68 -5.60
CA ASP B 68 3.15 13.01 -5.72
C ASP B 68 3.63 12.88 -7.16
N CYS B 69 4.83 13.38 -7.39
CA CYS B 69 5.53 13.18 -8.65
C CYS B 69 6.03 11.75 -8.65
N ALA B 70 5.65 10.99 -9.68
CA ALA B 70 6.02 9.60 -9.78
C ALA B 70 6.07 9.21 -11.24
N ALA B 71 6.82 8.16 -11.51
CA ALA B 71 7.03 7.68 -12.87
C ALA B 71 6.90 6.17 -12.91
N VAL B 72 6.74 5.66 -14.12
CA VAL B 72 6.52 4.23 -14.31
C VAL B 72 7.75 3.39 -14.01
N GLN B 73 7.50 2.11 -13.81
CA GLN B 73 8.55 1.18 -13.51
C GLN B 73 9.59 1.16 -14.63
N TYR B 74 9.11 0.98 -15.85
CA TYR B 74 9.97 0.92 -17.02
C TYR B 74 10.14 2.31 -17.64
N SER B 75 10.66 3.23 -16.84
CA SER B 75 10.89 4.60 -17.28
C SER B 75 12.00 4.61 -18.32
N GLY B 76 11.94 5.56 -19.25
CA GLY B 76 12.96 5.70 -20.27
C GLY B 76 12.79 4.73 -21.43
N ALA B 77 11.69 3.98 -21.43
CA ALA B 77 11.40 2.99 -22.45
C ALA B 77 10.06 3.30 -23.11
N GLY B 78 9.85 2.77 -24.31
CA GLY B 78 8.59 2.96 -25.01
C GLY B 78 8.18 4.40 -25.21
N GLY B 79 9.15 5.30 -25.33
CA GLY B 79 8.87 6.70 -25.55
C GLY B 79 8.54 7.50 -24.30
N ARG B 80 8.61 6.83 -23.14
CA ARG B 80 8.33 7.47 -21.87
C ARG B 80 9.50 8.30 -21.40
N ASP B 81 9.22 9.23 -20.49
CA ASP B 81 10.25 10.10 -19.93
C ASP B 81 11.21 9.28 -19.06
N PRO B 82 12.37 9.84 -18.75
CA PRO B 82 13.41 9.14 -18.00
C PRO B 82 13.00 8.78 -16.58
N LEU B 83 13.79 7.91 -15.93
CA LEU B 83 13.54 7.59 -14.55
C LEU B 83 13.65 8.89 -13.78
N PHE B 84 13.05 8.89 -12.61
CA PHE B 84 12.80 10.08 -11.84
C PHE B 84 13.43 9.99 -10.44
N LEU B 85 14.55 10.67 -10.23
CA LEU B 85 15.24 10.66 -8.94
C LEU B 85 15.09 11.96 -8.18
N ALA B 86 14.74 11.86 -6.90
CA ALA B 86 14.55 13.03 -6.06
C ALA B 86 15.80 13.92 -5.98
N GLU B 87 16.98 13.31 -5.97
CA GLU B 87 18.25 14.05 -5.89
C GLU B 87 18.34 15.11 -6.96
N HIS B 88 17.86 14.78 -8.16
CA HIS B 88 17.85 15.76 -9.25
C HIS B 88 16.65 16.68 -9.19
N PHE B 89 15.49 16.11 -8.94
CA PHE B 89 14.27 16.88 -9.10
C PHE B 89 13.87 17.81 -7.97
N ILE B 90 14.37 17.57 -6.77
CA ILE B 90 14.06 18.51 -5.71
C ILE B 90 14.73 19.86 -5.96
N PRO B 91 16.04 19.90 -6.24
CA PRO B 91 16.67 21.17 -6.60
C PRO B 91 16.00 21.80 -7.82
N PHE B 92 15.65 20.98 -8.81
CA PHE B 92 14.95 21.48 -9.99
C PHE B 92 13.63 22.15 -9.63
N LEU B 93 12.87 21.51 -8.75
CA LEU B 93 11.57 22.02 -8.35
C LEU B 93 11.70 23.29 -7.53
N ASN B 94 12.63 23.29 -6.58
CA ASN B 94 12.87 24.47 -5.76
C ASN B 94 13.34 25.64 -6.63
N ASP B 95 14.18 25.36 -7.63
CA ASP B 95 14.74 26.42 -8.47
C ASP B 95 13.77 26.98 -9.50
N HIS B 96 13.02 26.08 -10.14
CA HIS B 96 12.19 26.47 -11.27
C HIS B 96 10.70 26.52 -11.02
N ILE B 97 10.21 25.71 -10.08
CA ILE B 97 8.77 25.62 -9.92
C ILE B 97 8.23 26.33 -8.65
N LYS B 98 8.97 26.26 -7.57
CA LYS B 98 8.57 26.96 -6.36
C LYS B 98 8.23 28.44 -6.60
N PRO B 99 9.07 29.17 -7.33
CA PRO B 99 8.77 30.57 -7.63
C PRO B 99 7.50 30.77 -8.44
N LEU B 100 7.04 29.71 -9.10
CA LEU B 100 5.82 29.77 -9.90
C LEU B 100 4.60 29.32 -9.12
N LEU B 101 4.81 28.76 -7.94
CA LEU B 101 3.72 28.29 -7.10
C LEU B 101 3.37 29.21 -5.94
N GLU B 102 4.38 29.77 -5.30
CA GLU B 102 4.15 30.58 -4.11
C GLU B 102 3.48 31.89 -4.52
N GLY B 103 2.27 32.08 -4.02
CA GLY B 103 1.43 33.22 -4.37
C GLY B 103 0.44 32.90 -5.46
N ARG B 104 0.49 31.69 -6.00
CA ARG B 104 -0.41 31.34 -7.09
C ARG B 104 -1.86 31.12 -6.67
N ASP B 105 -2.77 31.65 -7.47
CA ASP B 105 -4.20 31.50 -7.29
C ASP B 105 -4.64 30.07 -7.61
N VAL B 106 -5.42 29.46 -6.71
CA VAL B 106 -5.92 28.10 -6.92
C VAL B 106 -7.45 28.03 -6.90
N ASP B 107 -8.12 29.14 -7.18
CA ASP B 107 -9.57 29.12 -7.19
C ASP B 107 -10.11 28.18 -8.26
N ALA B 108 -9.34 28.00 -9.33
CA ALA B 108 -9.67 27.03 -10.36
C ALA B 108 -8.47 26.10 -10.51
N PHE B 109 -8.73 24.97 -11.13
CA PHE B 109 -7.72 23.96 -11.38
C PHE B 109 -7.16 23.96 -12.82
N LEU B 110 -8.06 23.95 -13.81
CA LEU B 110 -7.65 23.71 -15.20
C LEU B 110 -6.61 24.70 -15.75
N PRO B 111 -6.78 26.00 -15.56
CA PRO B 111 -5.75 26.92 -16.06
C PRO B 111 -4.36 26.60 -15.51
N ASN B 112 -4.26 26.30 -14.22
CA ASN B 112 -2.97 25.95 -13.62
C ASN B 112 -2.41 24.65 -14.20
N ALA B 113 -3.29 23.68 -14.37
CA ALA B 113 -2.88 22.39 -14.92
C ALA B 113 -2.31 22.57 -16.32
N ARG B 114 -3.02 23.34 -17.14
CA ARG B 114 -2.57 23.62 -18.51
C ARG B 114 -1.26 24.41 -18.50
N PHE B 115 -1.14 25.39 -17.60
CA PHE B 115 0.08 26.18 -17.55
C PHE B 115 1.31 25.32 -17.31
N PHE B 116 1.27 24.48 -16.29
CA PHE B 116 2.42 23.65 -15.99
C PHE B 116 2.63 22.52 -17.00
N ASP B 117 1.56 22.15 -17.71
CA ASP B 117 1.67 21.09 -18.70
C ASP B 117 2.41 21.52 -19.96
N LYS B 118 2.36 22.81 -20.23
CA LYS B 118 2.97 23.38 -21.44
C LYS B 118 4.21 24.23 -21.18
N LEU B 119 4.50 24.48 -19.90
CA LEU B 119 5.64 25.28 -19.51
C LEU B 119 6.93 24.68 -20.03
N ARG B 120 7.78 25.53 -20.59
CA ARG B 120 9.08 25.07 -21.03
C ARG B 120 10.17 25.75 -20.22
N ILE B 121 11.11 24.95 -19.74
CA ILE B 121 12.26 25.42 -18.99
C ILE B 121 13.46 25.09 -19.86
N ASP B 122 14.16 26.13 -20.33
CA ASP B 122 15.27 25.91 -21.25
C ASP B 122 14.83 25.16 -22.49
N GLY B 123 13.62 25.48 -22.98
CA GLY B 123 13.12 24.86 -24.19
C GLY B 123 12.43 23.51 -24.02
N ASN B 124 12.58 22.87 -22.87
CA ASN B 124 11.97 21.56 -22.68
C ASN B 124 10.76 21.56 -21.76
N LEU B 125 9.80 20.71 -22.07
CA LEU B 125 8.66 20.51 -21.19
C LEU B 125 9.14 19.94 -19.87
N LEU B 126 8.35 20.13 -18.84
CA LEU B 126 8.63 19.47 -17.57
C LEU B 126 8.49 17.95 -17.73
N HIS B 127 9.28 17.22 -16.96
CA HIS B 127 9.16 15.77 -16.92
C HIS B 127 7.70 15.40 -16.64
N THR B 128 7.20 14.34 -17.27
CA THR B 128 5.80 13.97 -17.05
C THR B 128 5.49 13.73 -15.57
N ALA B 129 6.48 13.26 -14.82
CA ALA B 129 6.28 12.95 -13.40
C ALA B 129 6.05 14.23 -12.61
N VAL B 130 6.74 15.30 -13.01
CA VAL B 130 6.57 16.59 -12.37
C VAL B 130 5.18 17.14 -12.68
N ARG B 131 4.80 17.10 -13.95
CA ARG B 131 3.46 17.56 -14.30
C ARG B 131 2.39 16.74 -13.59
N TYR B 132 2.63 15.43 -13.47
CA TYR B 132 1.71 14.52 -12.78
C TYR B 132 1.52 14.95 -11.32
N GLY B 133 2.62 15.08 -10.60
CA GLY B 133 2.57 15.43 -9.19
C GLY B 133 2.04 16.83 -8.92
N LEU B 134 2.50 17.80 -9.70
CA LEU B 134 2.04 19.16 -9.53
C LEU B 134 0.54 19.23 -9.76
N SER B 135 0.08 18.58 -10.83
CA SER B 135 -1.32 18.67 -11.17
C SER B 135 -2.20 18.02 -10.09
N GLN B 136 -1.73 16.94 -9.49
CA GLN B 136 -2.47 16.33 -8.38
C GLN B 136 -2.64 17.34 -7.24
N ALA B 137 -1.53 17.97 -6.87
CA ALA B 137 -1.52 18.94 -5.77
C ALA B 137 -2.38 20.16 -6.08
N LEU B 138 -2.38 20.58 -7.34
CA LEU B 138 -3.17 21.75 -7.74
C LEU B 138 -4.66 21.44 -7.73
N LEU B 139 -5.02 20.20 -8.10
CA LEU B 139 -6.42 19.79 -8.03
C LEU B 139 -6.85 19.75 -6.57
N ASP B 140 -6.01 19.14 -5.73
CA ASP B 140 -6.28 19.06 -4.30
C ASP B 140 -6.40 20.46 -3.70
N ALA B 141 -5.58 21.39 -4.17
CA ALA B 141 -5.60 22.76 -3.66
C ALA B 141 -6.93 23.45 -4.00
N THR B 142 -7.38 23.32 -5.23
CA THR B 142 -8.65 23.91 -5.63
C THR B 142 -9.77 23.36 -4.77
N ALA B 143 -9.73 22.06 -4.53
CA ALA B 143 -10.71 21.38 -3.70
C ALA B 143 -10.70 21.93 -2.27
N LEU B 144 -9.53 21.93 -1.66
CA LEU B 144 -9.41 22.37 -0.26
C LEU B 144 -9.67 23.84 -0.08
N ALA B 145 -9.49 24.62 -1.13
CA ALA B 145 -9.73 26.05 -1.08
C ALA B 145 -11.21 26.36 -1.06
N SER B 146 -12.03 25.45 -1.57
CA SER B 146 -13.45 25.72 -1.80
C SER B 146 -14.45 24.79 -1.15
N GLY B 147 -14.00 23.91 -0.28
CA GLY B 147 -14.90 22.99 0.38
C GLY B 147 -15.51 21.96 -0.57
N ARG B 148 -14.76 21.62 -1.62
CA ARG B 148 -15.21 20.63 -2.59
C ARG B 148 -14.30 19.43 -2.54
N LEU B 149 -14.80 18.30 -2.98
CA LEU B 149 -13.94 17.15 -3.19
C LEU B 149 -13.20 17.32 -4.51
N LYS B 150 -12.06 16.67 -4.67
CA LYS B 150 -11.35 16.71 -5.94
C LYS B 150 -12.25 16.29 -7.10
N THR B 151 -13.06 15.25 -6.89
CA THR B 151 -13.89 14.77 -7.98
C THR B 151 -14.90 15.85 -8.38
N GLU B 152 -15.38 16.61 -7.40
CA GLU B 152 -16.34 17.69 -7.66
C GLU B 152 -15.71 18.83 -8.46
N VAL B 153 -14.46 19.14 -8.17
CA VAL B 153 -13.76 20.18 -8.92
C VAL B 153 -13.73 19.78 -10.40
N VAL B 154 -13.39 18.52 -10.68
CA VAL B 154 -13.33 18.04 -12.06
C VAL B 154 -14.72 18.12 -12.69
N CYS B 155 -15.73 17.64 -11.98
CA CYS B 155 -17.09 17.70 -12.54
C CYS B 155 -17.52 19.13 -12.81
N ASP B 156 -17.17 20.06 -11.92
CA ASP B 156 -17.54 21.46 -12.12
C ASP B 156 -16.84 22.06 -13.33
N GLU B 157 -15.54 21.82 -13.46
CA GLU B 157 -14.76 22.46 -14.52
C GLU B 157 -14.95 21.81 -15.89
N TRP B 158 -15.41 20.56 -15.92
CA TRP B 158 -15.71 19.90 -17.19
C TRP B 158 -17.21 19.77 -17.42
N GLN B 159 -18.03 20.28 -16.51
CA GLN B 159 -19.48 20.25 -16.64
C GLN B 159 -20.01 18.81 -16.78
N LEU B 160 -19.61 17.98 -15.83
CA LEU B 160 -20.00 16.57 -15.79
C LEU B 160 -20.96 16.33 -14.61
N PRO B 161 -21.82 15.33 -14.70
CA PRO B 161 -22.82 15.11 -13.63
C PRO B 161 -22.33 14.52 -12.31
N CYS B 162 -21.18 13.87 -12.27
CA CYS B 162 -20.70 13.30 -11.00
C CYS B 162 -21.76 12.44 -10.33
N VAL B 163 -22.37 11.54 -11.08
CA VAL B 163 -23.28 10.56 -10.50
C VAL B 163 -22.43 9.67 -9.60
N PRO B 164 -22.74 9.57 -8.31
CA PRO B 164 -21.95 8.73 -7.41
C PRO B 164 -22.11 7.23 -7.69
N GLU B 165 -21.12 6.66 -8.37
CA GLU B 165 -21.20 5.31 -8.89
C GLU B 165 -19.80 4.73 -9.05
N ALA B 166 -19.64 3.46 -8.70
CA ALA B 166 -18.33 2.81 -8.76
C ALA B 166 -17.81 2.64 -10.18
N ILE B 167 -16.51 2.42 -10.26
CA ILE B 167 -15.78 2.15 -11.50
C ILE B 167 -15.21 0.74 -11.32
N PRO B 168 -15.28 -0.13 -12.33
CA PRO B 168 -14.68 -1.46 -12.21
C PRO B 168 -13.16 -1.38 -11.99
N LEU B 169 -12.66 -2.16 -11.05
CA LEU B 169 -11.26 -2.16 -10.67
C LEU B 169 -10.54 -3.39 -11.18
N PHE B 170 -9.28 -3.20 -11.54
CA PHE B 170 -8.41 -4.22 -12.14
C PHE B 170 -7.17 -4.46 -11.30
N GLY B 171 -7.03 -5.68 -10.82
CA GLY B 171 -5.88 -6.06 -10.01
C GLY B 171 -4.77 -6.69 -10.82
N GLN B 172 -3.53 -6.31 -10.50
CA GLN B 172 -2.36 -6.86 -11.16
C GLN B 172 -1.52 -7.70 -10.19
N SER B 173 -1.11 -8.87 -10.67
CA SER B 173 -0.45 -9.88 -9.86
C SER B 173 1.06 -9.83 -9.82
N GLY B 174 1.68 -9.15 -10.77
CA GLY B 174 3.12 -9.29 -10.96
C GLY B 174 3.37 -10.75 -11.32
N ASP B 175 4.56 -11.28 -11.03
CA ASP B 175 4.83 -12.69 -11.35
C ASP B 175 4.10 -13.72 -10.47
N ASP B 176 3.47 -13.24 -9.40
CA ASP B 176 2.76 -14.08 -8.44
C ASP B 176 1.37 -14.40 -9.04
N ARG B 177 1.36 -14.93 -10.28
CA ARG B 177 0.13 -15.06 -11.06
C ARG B 177 -0.81 -16.16 -10.63
N TYR B 178 -0.41 -16.95 -9.63
CA TYR B 178 -1.28 -17.98 -9.10
C TYR B 178 -1.81 -17.53 -7.75
N ILE B 179 -0.90 -17.21 -6.83
CA ILE B 179 -1.28 -16.79 -5.49
C ILE B 179 -2.13 -15.52 -5.51
N ALA B 180 -1.75 -14.55 -6.33
CA ALA B 180 -2.45 -13.28 -6.35
C ALA B 180 -3.87 -13.45 -6.83
N VAL B 181 -4.11 -14.43 -7.71
CA VAL B 181 -5.45 -14.70 -8.18
C VAL B 181 -6.34 -15.09 -7.00
N ASP B 182 -5.84 -15.92 -6.10
CA ASP B 182 -6.63 -16.30 -4.93
C ASP B 182 -6.97 -15.07 -4.08
N LYS B 183 -5.99 -14.19 -3.87
CA LYS B 183 -6.25 -12.95 -3.13
C LYS B 183 -7.38 -12.17 -3.79
N ILE B 185 -9.76 -13.17 -5.85
CA ILE B 185 -11.06 -13.82 -5.74
C ILE B 185 -11.63 -13.56 -4.33
N LEU B 186 -10.79 -13.73 -3.31
CA LEU B 186 -11.24 -13.51 -1.94
C LEU B 186 -11.77 -12.09 -1.72
N LYS B 187 -11.18 -11.13 -2.41
CA LYS B 187 -11.57 -9.72 -2.29
C LYS B 187 -12.48 -9.27 -3.43
N GLY B 188 -13.07 -10.22 -4.16
CA GLY B 188 -14.10 -9.92 -5.13
C GLY B 188 -13.71 -8.91 -6.18
N VAL B 189 -12.48 -8.99 -6.68
CA VAL B 189 -11.99 -7.98 -7.60
C VAL B 189 -12.73 -8.05 -8.94
N ASP B 190 -13.08 -6.91 -9.50
CA ASP B 190 -13.90 -6.87 -10.70
C ASP B 190 -13.22 -7.44 -11.95
N VAL B 191 -11.92 -7.16 -12.08
CA VAL B 191 -11.15 -7.50 -13.28
C VAL B 191 -9.79 -7.98 -12.79
N LEU B 192 -9.26 -9.03 -13.40
CA LEU B 192 -8.03 -9.63 -12.91
C LEU B 192 -7.43 -10.49 -14.02
N PRO B 193 -6.17 -10.92 -13.90
CA PRO B 193 -5.20 -10.58 -12.86
C PRO B 193 -3.91 -10.00 -13.42
N HIS B 194 -3.92 -9.57 -14.69
CA HIS B 194 -2.75 -9.05 -15.40
C HIS B 194 -1.76 -10.16 -15.78
N ALA B 195 -1.24 -10.84 -14.77
CA ALA B 195 -0.42 -12.05 -14.92
C ALA B 195 0.99 -11.87 -15.45
N LEU B 196 1.37 -10.65 -15.81
CA LEU B 196 2.74 -10.35 -16.22
C LEU B 196 3.32 -11.41 -17.16
N ILE B 197 2.66 -11.60 -18.30
CA ILE B 197 3.09 -12.59 -19.27
C ILE B 197 4.12 -11.90 -20.15
N ASN B 198 5.34 -11.84 -19.64
CA ASN B 198 6.39 -11.03 -20.25
C ASN B 198 7.60 -11.82 -20.75
N ASN B 199 7.42 -13.13 -20.91
CA ASN B 199 8.50 -14.00 -21.34
C ASN B 199 7.91 -15.11 -22.20
N VAL B 200 8.43 -15.27 -23.42
CA VAL B 200 7.89 -16.29 -24.31
C VAL B 200 8.13 -17.69 -23.78
N GLU B 201 9.37 -18.01 -23.49
CA GLU B 201 9.65 -19.39 -23.13
C GLU B 201 8.96 -19.86 -21.86
N GLU B 202 8.91 -19.01 -20.85
CA GLU B 202 8.38 -19.46 -19.56
C GLU B 202 6.92 -19.14 -19.28
N LYS B 203 6.35 -18.14 -19.96
CA LYS B 203 5.01 -17.67 -19.59
C LYS B 203 3.98 -17.80 -20.72
N LEU B 204 4.35 -17.45 -21.96
CA LEU B 204 3.43 -17.55 -23.08
C LEU B 204 3.46 -18.93 -23.71
N GLY B 205 4.68 -19.45 -23.88
CA GLY B 205 4.92 -20.67 -24.61
C GLY B 205 5.26 -20.30 -26.05
N PHE B 206 6.14 -21.07 -26.67
CA PHE B 206 6.56 -20.79 -28.04
C PHE B 206 5.44 -20.82 -29.04
N LYS B 207 4.36 -21.54 -28.70
CA LYS B 207 3.15 -21.53 -29.51
C LYS B 207 1.92 -21.04 -28.74
N GLY B 208 2.17 -20.34 -27.63
CA GLY B 208 1.09 -19.77 -26.84
C GLY B 208 0.38 -20.79 -25.98
N GLU B 209 0.92 -21.99 -25.90
CA GLU B 209 0.26 -23.06 -25.17
C GLU B 209 0.28 -22.86 -23.65
N LYS B 210 1.31 -22.22 -23.12
CA LYS B 210 1.37 -21.98 -21.69
C LYS B 210 0.31 -20.95 -21.29
N LEU B 211 0.17 -19.89 -22.07
CA LEU B 211 -0.88 -18.92 -21.77
C LEU B 211 -2.27 -19.57 -21.90
N ARG B 212 -2.45 -20.44 -22.89
CA ARG B 212 -3.73 -21.13 -23.05
C ARG B 212 -4.06 -21.90 -21.77
N GLU B 213 -3.08 -22.65 -21.28
CA GLU B 213 -3.24 -23.41 -20.06
C GLU B 213 -3.49 -22.49 -18.84
N TYR B 214 -2.84 -21.33 -18.82
CA TYR B 214 -3.01 -20.40 -17.73
C TYR B 214 -4.44 -19.83 -17.72
N VAL B 215 -4.98 -19.48 -18.87
CA VAL B 215 -6.34 -18.94 -18.91
C VAL B 215 -7.32 -19.98 -18.37
N ARG B 216 -7.13 -21.24 -18.75
CA ARG B 216 -7.97 -22.30 -18.23
C ARG B 216 -7.80 -22.47 -16.72
N TRP B 217 -6.56 -22.42 -16.24
CA TRP B 217 -6.30 -22.51 -14.81
C TRP B 217 -7.03 -21.38 -14.06
N LEU B 218 -6.91 -20.19 -14.62
CA LEU B 218 -7.47 -18.97 -14.06
C LEU B 218 -8.99 -19.03 -13.98
N SER B 219 -9.66 -19.37 -15.08
CA SER B 219 -11.12 -19.45 -15.04
C SER B 219 -11.55 -20.59 -14.13
N ASP B 220 -10.87 -21.72 -14.17
CA ASP B 220 -11.20 -22.81 -13.28
C ASP B 220 -11.07 -22.36 -11.82
N ARG B 221 -10.02 -21.60 -11.51
CA ARG B 221 -9.76 -21.17 -10.13
C ARG B 221 -10.87 -20.24 -9.64
N ILE B 222 -11.25 -19.29 -10.48
CA ILE B 222 -12.31 -18.37 -10.13
C ILE B 222 -13.61 -19.14 -9.87
N LEU B 223 -13.96 -20.03 -10.79
CA LEU B 223 -15.19 -20.79 -10.69
C LEU B 223 -15.18 -21.72 -9.47
N SER B 224 -14.02 -22.22 -9.06
CA SER B 224 -13.92 -23.12 -7.92
C SER B 224 -13.90 -22.40 -6.58
N LEU B 225 -13.13 -21.33 -6.47
CA LEU B 225 -12.94 -20.65 -5.20
C LEU B 225 -14.05 -19.66 -4.84
N ARG B 226 -14.72 -19.11 -5.84
CA ARG B 226 -15.74 -18.11 -5.54
C ARG B 226 -16.83 -18.69 -4.66
N SER B 227 -17.43 -17.82 -3.86
CA SER B 227 -18.47 -18.25 -2.93
C SER B 227 -19.82 -18.43 -3.61
N SER B 228 -20.02 -17.76 -4.74
CA SER B 228 -21.26 -17.91 -5.49
C SER B 228 -21.07 -17.43 -6.92
N PRO B 229 -21.96 -17.86 -7.81
CA PRO B 229 -21.92 -17.48 -9.21
C PRO B 229 -22.16 -16.00 -9.44
N ARG B 230 -22.58 -15.28 -8.40
CA ARG B 230 -22.69 -13.84 -8.51
C ARG B 230 -21.33 -13.21 -8.80
N TYR B 231 -20.24 -13.87 -8.44
CA TYR B 231 -18.91 -13.35 -8.75
C TYR B 231 -18.53 -13.81 -10.15
N HIS B 232 -18.62 -12.89 -11.10
CA HIS B 232 -18.38 -13.17 -12.51
C HIS B 232 -17.49 -12.06 -13.06
N PRO B 233 -16.20 -12.15 -12.75
CA PRO B 233 -15.27 -11.10 -13.14
C PRO B 233 -14.85 -11.17 -14.60
N THR B 234 -14.22 -10.10 -15.03
CA THR B 234 -13.57 -10.04 -16.34
C THR B 234 -12.10 -10.39 -16.20
N LEU B 235 -11.59 -11.07 -17.21
CA LEU B 235 -10.17 -11.45 -17.27
C LEU B 235 -9.43 -10.46 -18.14
N HIS B 236 -8.27 -10.01 -17.67
CA HIS B 236 -7.44 -9.05 -18.39
C HIS B 236 -6.00 -9.48 -18.14
N ILE B 237 -5.32 -9.85 -19.22
CA ILE B 237 -3.97 -10.37 -19.17
C ILE B 237 -3.09 -9.56 -20.10
N ASP B 238 -1.95 -9.11 -19.59
CA ASP B 238 -0.99 -8.32 -20.36
C ASP B 238 0.15 -9.22 -20.81
N VAL B 239 0.37 -9.26 -22.12
CA VAL B 239 1.37 -10.15 -22.71
C VAL B 239 2.61 -9.46 -23.25
N TYR B 240 2.74 -8.16 -23.05
CA TYR B 240 4.02 -7.47 -23.31
C TYR B 240 4.58 -7.71 -24.70
N GLY B 241 3.70 -7.78 -25.67
CA GLY B 241 4.08 -7.96 -27.06
C GLY B 241 4.51 -9.37 -27.42
N THR B 242 4.43 -10.31 -26.51
CA THR B 242 4.95 -11.66 -26.79
C THR B 242 4.17 -12.43 -27.85
N ILE B 243 2.89 -12.15 -28.00
CA ILE B 243 2.10 -12.82 -29.04
C ILE B 243 2.65 -12.44 -30.42
N GLY B 244 2.96 -11.15 -30.60
CA GLY B 244 3.56 -10.70 -31.84
C GLY B 244 4.87 -11.42 -32.12
N LEU B 245 5.67 -11.66 -31.10
CA LEU B 245 6.93 -12.35 -31.30
C LEU B 245 6.72 -13.77 -31.84
N ILE B 246 5.85 -14.54 -31.23
CA ILE B 246 5.71 -15.95 -31.64
C ILE B 246 5.04 -16.11 -32.99
N PHE B 247 4.36 -15.09 -33.46
CA PHE B 247 3.72 -15.16 -34.78
C PHE B 247 4.41 -14.25 -35.79
N ASP B 248 5.62 -13.80 -35.47
CA ASP B 248 6.38 -12.94 -36.36
C ASP B 248 5.57 -11.77 -36.91
N ASP B 250 2.49 -11.28 -37.61
CA ASP B 250 1.40 -11.52 -38.54
C ASP B 250 0.09 -11.24 -37.77
N PRO B 251 -0.59 -10.14 -38.06
CA PRO B 251 -1.78 -9.78 -37.27
C PRO B 251 -2.92 -10.79 -37.35
N VAL B 252 -3.06 -11.45 -38.49
CA VAL B 252 -4.12 -12.43 -38.66
C VAL B 252 -3.86 -13.66 -37.79
N ARG B 253 -2.62 -14.13 -37.77
CA ARG B 253 -2.26 -15.25 -36.91
C ARG B 253 -2.38 -14.86 -35.43
N CYS B 254 -2.01 -13.64 -35.10
CA CYS B 254 -2.15 -13.15 -33.73
C CYS B 254 -3.62 -13.18 -33.33
N ALA B 255 -4.48 -12.69 -34.21
CA ALA B 255 -5.92 -12.68 -33.94
C ALA B 255 -6.48 -14.08 -33.78
N GLU B 256 -6.08 -14.99 -34.66
CA GLU B 256 -6.53 -16.37 -34.56
C GLU B 256 -6.20 -16.93 -33.17
N TYR B 257 -4.97 -16.70 -32.73
CA TYR B 257 -4.54 -17.20 -31.45
C TYR B 257 -5.33 -16.55 -30.30
N ILE B 258 -5.42 -15.23 -30.32
CA ILE B 258 -6.16 -14.52 -29.29
C ILE B 258 -7.61 -15.03 -29.22
N ALA B 259 -8.23 -15.20 -30.37
CA ALA B 259 -9.60 -15.69 -30.42
C ALA B 259 -9.73 -17.08 -29.82
N SER B 260 -8.70 -17.90 -30.01
CA SER B 260 -8.72 -19.28 -29.50
C SER B 260 -8.73 -19.35 -27.97
N LEU B 261 -8.33 -18.25 -27.32
CA LEU B 261 -8.33 -18.24 -25.86
C LEU B 261 -9.71 -18.11 -25.26
N GLU B 262 -10.69 -17.65 -26.03
CA GLU B 262 -12.03 -17.46 -25.50
C GLU B 262 -12.58 -18.74 -24.90
N LYS B 263 -12.32 -19.86 -25.53
CA LYS B 263 -12.84 -21.11 -25.02
C LYS B 263 -12.38 -21.31 -23.58
N GLU B 264 -11.12 -21.02 -23.33
CA GLU B 264 -10.53 -21.31 -22.05
C GLU B 264 -11.04 -20.41 -20.93
N ALA B 265 -11.69 -19.31 -21.28
CA ALA B 265 -12.16 -18.35 -20.29
C ALA B 265 -13.50 -18.74 -19.66
N GLN B 266 -14.16 -19.77 -20.19
CA GLN B 266 -15.38 -20.30 -19.60
C GLN B 266 -16.44 -19.26 -19.28
N GLY B 267 -16.69 -18.38 -20.23
CA GLY B 267 -17.74 -17.39 -20.09
C GLY B 267 -17.34 -16.12 -19.39
N LEU B 268 -16.13 -16.06 -18.82
CA LEU B 268 -15.63 -14.82 -18.23
C LEU B 268 -15.07 -13.98 -19.38
N PRO B 269 -15.50 -12.74 -19.55
CA PRO B 269 -14.99 -11.93 -20.66
C PRO B 269 -13.48 -11.80 -20.61
N LEU B 270 -12.82 -11.83 -21.77
CA LEU B 270 -11.38 -11.81 -21.84
C LEU B 270 -10.84 -10.62 -22.61
N TYR B 271 -9.83 -9.97 -22.02
CA TYR B 271 -9.09 -8.88 -22.62
C TYR B 271 -7.62 -9.28 -22.65
N ILE B 272 -6.95 -9.02 -23.77
CA ILE B 272 -5.52 -9.24 -23.90
C ILE B 272 -4.88 -7.89 -24.17
N GLU B 273 -4.04 -7.47 -23.24
CA GLU B 273 -3.35 -6.19 -23.36
C GLU B 273 -1.97 -6.37 -24.00
N GLY B 274 -1.62 -5.44 -24.88
CA GLY B 274 -0.31 -5.43 -25.51
C GLY B 274 0.03 -6.67 -26.28
N PRO B 275 -0.83 -7.10 -27.20
CA PRO B 275 -0.56 -8.35 -27.91
C PRO B 275 0.74 -8.29 -28.74
N VAL B 276 1.06 -7.13 -29.29
CA VAL B 276 2.25 -6.97 -30.11
C VAL B 276 2.93 -5.67 -29.76
N ASP B 277 4.20 -5.55 -30.12
CA ASP B 277 4.94 -4.30 -29.95
C ASP B 277 5.70 -4.07 -31.23
N ALA B 278 5.14 -3.22 -32.08
CA ALA B 278 5.74 -2.91 -33.38
C ALA B 278 6.93 -1.94 -33.29
N GLY B 279 7.22 -1.43 -32.10
CA GLY B 279 8.42 -0.63 -31.89
C GLY B 279 8.30 0.87 -32.14
N ASN B 280 7.14 1.29 -32.63
CA ASN B 280 6.89 2.70 -32.88
C ASN B 280 5.39 2.90 -33.00
N LYS B 281 4.94 4.12 -32.79
CA LYS B 281 3.52 4.41 -32.75
C LYS B 281 2.75 4.13 -34.08
N PRO B 282 3.19 4.67 -35.22
CA PRO B 282 2.45 4.42 -36.46
C PRO B 282 2.29 2.94 -36.79
N ASP B 283 3.36 2.17 -36.63
CA ASP B 283 3.30 0.74 -36.91
C ASP B 283 2.42 0.04 -35.88
N GLN B 284 2.46 0.52 -34.63
CA GLN B 284 1.66 -0.08 -33.56
C GLN B 284 0.18 0.10 -33.83
N ILE B 285 -0.22 1.30 -34.22
CA ILE B 285 -1.61 1.58 -34.54
C ILE B 285 -2.05 0.67 -35.70
N ARG B 286 -1.22 0.52 -36.73
CA ARG B 286 -1.62 -0.30 -37.85
C ARG B 286 -1.75 -1.76 -37.47
N LEU B 288 -2.38 -3.12 -34.44
CA LEU B 288 -3.54 -3.36 -33.59
C LEU B 288 -4.80 -3.28 -34.43
N THR B 289 -4.85 -2.34 -35.37
CA THR B 289 -6.03 -2.22 -36.20
C THR B 289 -6.29 -3.50 -36.97
N ALA B 290 -5.22 -4.09 -37.51
CA ALA B 290 -5.33 -5.34 -38.26
C ALA B 290 -5.77 -6.51 -37.38
N ILE B 291 -5.28 -6.59 -36.15
CA ILE B 291 -5.68 -7.64 -35.24
C ILE B 291 -7.16 -7.47 -34.92
N THR B 292 -7.57 -6.25 -34.61
CA THR B 292 -8.97 -5.97 -34.28
C THR B 292 -9.87 -6.34 -35.44
N LYS B 293 -9.47 -5.97 -36.66
CA LYS B 293 -10.26 -6.28 -37.85
C LYS B 293 -10.48 -7.79 -37.96
N GLU B 294 -9.43 -8.57 -37.74
CA GLU B 294 -9.55 -10.01 -37.87
C GLU B 294 -10.38 -10.62 -36.72
N LEU B 295 -10.21 -10.12 -35.50
CA LEU B 295 -11.04 -10.59 -34.39
C LEU B 295 -12.52 -10.36 -34.70
N THR B 296 -12.81 -9.20 -35.26
CA THR B 296 -14.19 -8.86 -35.61
C THR B 296 -14.70 -9.78 -36.72
N ARG B 297 -13.85 -10.03 -37.72
CA ARG B 297 -14.22 -10.90 -38.83
C ARG B 297 -14.53 -12.32 -38.32
N LEU B 298 -13.76 -12.77 -37.33
CA LEU B 298 -13.93 -14.10 -36.75
C LEU B 298 -15.15 -14.20 -35.84
N GLY B 299 -15.74 -13.07 -35.48
CA GLY B 299 -16.83 -13.01 -34.53
C GLY B 299 -16.37 -13.27 -33.11
N SER B 300 -15.11 -13.00 -32.83
CA SER B 300 -14.56 -13.27 -31.51
C SER B 300 -15.07 -12.28 -30.48
N GLY B 301 -15.26 -12.77 -29.27
CA GLY B 301 -15.63 -11.92 -28.15
C GLY B 301 -14.43 -11.45 -27.34
N VAL B 302 -13.23 -11.80 -27.74
CA VAL B 302 -12.04 -11.37 -27.02
C VAL B 302 -11.65 -9.98 -27.49
N LYS B 303 -11.26 -9.15 -26.52
CA LYS B 303 -10.90 -7.77 -26.79
C LYS B 303 -9.41 -7.55 -26.58
N ILE B 304 -8.85 -6.54 -27.27
CA ILE B 304 -7.45 -6.22 -27.10
C ILE B 304 -7.30 -4.78 -26.60
N VAL B 305 -6.22 -4.57 -25.86
CA VAL B 305 -5.94 -3.30 -25.20
C VAL B 305 -4.61 -2.75 -25.64
N ALA B 306 -4.61 -1.51 -26.11
CA ALA B 306 -3.35 -0.84 -26.46
C ALA B 306 -2.66 -0.38 -25.19
N ASP B 307 -1.35 -0.39 -25.22
CA ASP B 307 -0.55 0.11 -24.10
C ASP B 307 0.71 0.75 -24.67
N GLU B 308 1.69 -0.07 -25.06
CA GLU B 308 2.93 0.42 -25.63
C GLU B 308 2.68 1.36 -26.80
N TRP B 309 3.40 2.48 -26.79
CA TRP B 309 3.33 3.53 -27.82
C TRP B 309 2.08 4.42 -27.73
N CYS B 310 1.22 4.15 -26.76
CA CYS B 310 0.03 4.95 -26.54
C CYS B 310 0.23 5.66 -25.20
N ASN B 311 1.00 6.75 -25.20
CA ASN B 311 1.46 7.39 -23.97
C ASN B 311 0.72 8.69 -23.59
N THR B 312 0.73 9.63 -24.53
CA THR B 312 0.17 10.96 -24.31
C THR B 312 -1.29 11.09 -24.69
N TYR B 313 -1.87 12.21 -24.29
CA TYR B 313 -3.24 12.53 -24.69
C TYR B 313 -3.38 12.37 -26.21
N GLN B 314 -2.46 12.99 -26.97
CA GLN B 314 -2.57 12.91 -28.43
C GLN B 314 -2.41 11.48 -28.92
N ASP B 315 -1.52 10.69 -28.31
CA ASP B 315 -1.39 9.31 -28.71
C ASP B 315 -2.75 8.60 -28.55
N ILE B 316 -3.43 8.85 -27.43
CA ILE B 316 -4.71 8.21 -27.16
C ILE B 316 -5.74 8.61 -28.22
N VAL B 317 -5.76 9.89 -28.56
CA VAL B 317 -6.62 10.36 -29.63
C VAL B 317 -6.32 9.63 -30.94
N ASP B 318 -5.05 9.45 -31.26
CA ASP B 318 -4.67 8.77 -32.51
C ASP B 318 -5.07 7.30 -32.53
N PHE B 319 -4.85 6.58 -31.43
CA PHE B 319 -5.25 5.19 -31.36
C PHE B 319 -6.78 5.06 -31.46
N THR B 320 -7.49 6.02 -30.88
CA THR B 320 -8.94 6.04 -30.88
C THR B 320 -9.51 6.35 -32.27
N ASP B 321 -8.96 7.37 -32.91
CA ASP B 321 -9.45 7.76 -34.23
C ASP B 321 -9.23 6.65 -35.27
N ALA B 322 -8.21 5.83 -35.06
CA ALA B 322 -7.90 4.73 -35.98
C ALA B 322 -8.81 3.52 -35.75
N GLY B 323 -9.58 3.53 -34.67
CA GLY B 323 -10.41 2.38 -34.34
C GLY B 323 -9.51 1.17 -34.19
N SER B 324 -8.38 1.36 -33.52
CA SER B 324 -7.29 0.37 -33.54
C SER B 324 -7.43 -0.82 -32.61
N CYS B 325 -8.31 -0.71 -31.62
CA CYS B 325 -8.45 -1.72 -30.60
C CYS B 325 -9.71 -1.42 -29.80
N HIS B 326 -10.03 -2.31 -28.87
CA HIS B 326 -11.26 -2.14 -28.10
C HIS B 326 -11.11 -1.20 -26.91
N VAL B 328 -7.94 1.22 -24.57
CA VAL B 328 -6.59 1.76 -24.44
C VAL B 328 -6.23 1.96 -22.97
N GLN B 329 -5.01 1.60 -22.59
CA GLN B 329 -4.52 1.95 -21.26
C GLN B 329 -4.02 3.37 -21.27
N ILE B 330 -4.76 4.21 -20.56
CA ILE B 330 -4.40 5.59 -20.29
C ILE B 330 -3.47 5.46 -19.07
N LYS B 331 -2.16 5.38 -19.31
CA LYS B 331 -1.21 5.07 -18.23
C LYS B 331 -0.86 6.37 -17.54
N THR B 332 -1.61 6.66 -16.48
CA THR B 332 -1.69 8.02 -15.94
C THR B 332 -0.41 8.84 -15.81
N PRO B 333 0.67 8.34 -15.22
CA PRO B 333 1.84 9.20 -15.06
C PRO B 333 2.40 9.69 -16.39
N ASP B 334 2.19 8.92 -17.45
CA ASP B 334 2.75 9.24 -18.76
C ASP B 334 2.01 10.37 -19.47
N LEU B 335 0.82 10.73 -18.99
CA LEU B 335 0.08 11.82 -19.61
C LEU B 335 0.48 13.18 -19.07
N GLY B 336 1.34 13.21 -18.05
CA GLY B 336 1.70 14.49 -17.44
C GLY B 336 0.59 14.99 -16.54
N GLY B 337 0.06 16.18 -16.82
CA GLY B 337 -0.98 16.71 -15.95
C GLY B 337 -2.22 15.85 -15.99
N ILE B 338 -2.88 15.69 -14.85
CA ILE B 338 -4.03 14.80 -14.76
C ILE B 338 -5.26 15.31 -15.48
N HIS B 339 -5.29 16.59 -15.83
CA HIS B 339 -6.38 17.08 -16.66
C HIS B 339 -6.37 16.33 -18.01
N ASN B 340 -5.19 15.88 -18.44
CA ASN B 340 -5.09 15.10 -19.68
C ASN B 340 -5.79 13.75 -19.56
N ILE B 341 -5.79 13.18 -18.35
CA ILE B 341 -6.51 11.93 -18.14
C ILE B 341 -8.01 12.17 -18.35
N VAL B 342 -8.52 13.25 -17.75
CA VAL B 342 -9.93 13.55 -17.90
C VAL B 342 -10.27 13.70 -19.39
N ASP B 343 -9.49 14.52 -20.08
CA ASP B 343 -9.75 14.75 -21.49
C ASP B 343 -9.65 13.47 -22.30
N ALA B 344 -8.68 12.63 -21.98
CA ALA B 344 -8.49 11.38 -22.70
C ALA B 344 -9.66 10.42 -22.48
N VAL B 345 -10.11 10.30 -21.24
CA VAL B 345 -11.23 9.41 -20.95
C VAL B 345 -12.48 9.89 -21.68
N LEU B 346 -12.74 11.19 -21.62
CA LEU B 346 -13.92 11.75 -22.28
C LEU B 346 -13.84 11.53 -23.78
N TYR B 347 -12.66 11.69 -24.35
CA TYR B 347 -12.48 11.50 -25.79
C TYR B 347 -12.78 10.06 -26.19
N CYS B 348 -12.23 9.12 -25.43
CA CYS B 348 -12.51 7.72 -25.66
C CYS B 348 -14.01 7.45 -25.61
N ASN B 349 -14.66 7.93 -24.56
CA ASN B 349 -16.07 7.68 -24.35
C ASN B 349 -16.95 8.24 -25.47
N LYS B 350 -16.50 9.34 -26.05
CA LYS B 350 -17.25 9.99 -27.13
C LYS B 350 -17.04 9.29 -28.47
N HIS B 351 -15.91 8.58 -28.61
CA HIS B 351 -15.51 8.02 -29.90
C HIS B 351 -15.36 6.50 -29.94
N GLY B 352 -16.16 5.81 -29.12
CA GLY B 352 -16.27 4.37 -29.18
C GLY B 352 -15.07 3.57 -28.72
N GLU B 354 -13.07 2.00 -25.31
CA GLU B 354 -13.12 1.75 -23.87
C GLU B 354 -11.88 2.35 -23.23
N ALA B 355 -12.10 3.20 -22.22
CA ALA B 355 -11.02 3.85 -21.51
C ALA B 355 -10.64 3.05 -20.28
N TYR B 356 -9.38 2.64 -20.24
CA TYR B 356 -8.82 1.98 -19.08
C TYR B 356 -7.86 2.98 -18.42
N GLN B 357 -8.28 3.50 -17.27
CA GLN B 357 -7.46 4.45 -16.53
C GLN B 357 -6.49 3.61 -15.73
N GLY B 358 -5.27 3.50 -16.26
CA GLY B 358 -4.26 2.63 -15.71
C GLY B 358 -3.32 3.32 -14.75
N GLY B 359 -2.04 3.09 -14.92
CA GLY B 359 -1.04 3.61 -14.03
C GLY B 359 0.10 2.64 -13.88
N THR B 360 0.78 2.73 -12.76
CA THR B 360 1.95 1.91 -12.53
C THR B 360 2.00 1.42 -11.09
N CYS B 361 2.59 0.25 -10.91
CA CYS B 361 2.87 -0.22 -9.56
C CYS B 361 3.87 0.70 -8.86
N ASN B 362 4.59 1.50 -9.64
CA ASN B 362 5.66 2.33 -9.09
C ASN B 362 5.24 3.75 -8.74
N GLU B 363 3.95 4.00 -8.53
CA GLU B 363 3.50 5.32 -8.08
C GLU B 363 3.19 5.26 -6.58
N THR B 364 2.28 6.09 -6.08
CA THR B 364 2.12 6.22 -4.62
C THR B 364 0.68 6.16 -4.18
N GLU B 365 0.52 6.18 -2.86
CA GLU B 365 -0.81 6.20 -2.28
C GLU B 365 -1.55 7.50 -2.63
N ILE B 366 -0.83 8.61 -2.66
CA ILE B 366 -1.45 9.89 -2.98
C ILE B 366 -1.83 9.97 -4.46
N SER B 367 -0.95 9.52 -5.33
CA SER B 367 -1.28 9.57 -6.76
C SER B 367 -2.44 8.67 -7.07
N ALA B 368 -2.46 7.47 -6.49
CA ALA B 368 -3.58 6.56 -6.70
C ALA B 368 -4.87 7.13 -6.17
N ARG B 369 -4.82 7.68 -4.95
CA ARG B 369 -6.01 8.25 -4.34
C ARG B 369 -6.56 9.38 -5.21
N THR B 370 -5.67 10.23 -5.72
CA THR B 370 -6.08 11.33 -6.57
C THR B 370 -6.71 10.81 -7.87
N CYS B 371 -6.13 9.74 -8.43
CA CYS B 371 -6.68 9.12 -9.63
C CYS B 371 -8.10 8.62 -9.43
N VAL B 372 -8.45 8.18 -8.23
CA VAL B 372 -9.82 7.76 -7.96
C VAL B 372 -10.81 8.89 -8.25
N HIS B 373 -10.44 10.10 -7.84
CA HIS B 373 -11.29 11.28 -8.06
C HIS B 373 -11.46 11.60 -9.52
N VAL B 374 -10.37 11.47 -10.25
CA VAL B 374 -10.41 11.68 -11.69
C VAL B 374 -11.34 10.68 -12.35
N ALA B 375 -11.28 9.43 -11.93
CA ALA B 375 -12.13 8.39 -12.52
C ALA B 375 -13.58 8.54 -12.17
N LEU B 376 -13.88 8.89 -10.92
CA LEU B 376 -15.26 9.05 -10.53
C LEU B 376 -15.95 10.15 -11.33
N ALA B 377 -15.18 11.14 -11.74
CA ALA B 377 -15.71 12.23 -12.55
C ALA B 377 -15.80 11.88 -14.03
N ALA B 378 -14.70 11.38 -14.58
CA ALA B 378 -14.60 11.18 -16.04
C ALA B 378 -15.25 9.90 -16.55
N ARG B 379 -15.31 8.87 -15.70
CA ARG B 379 -16.02 7.61 -15.99
C ARG B 379 -15.32 6.70 -16.99
N PRO B 380 -14.10 6.28 -16.72
CA PRO B 380 -13.46 5.26 -17.55
C PRO B 380 -14.18 3.92 -17.32
N ARG B 382 -12.61 1.12 -16.74
CA ARG B 382 -11.78 0.27 -15.90
C ARG B 382 -10.72 1.16 -15.24
N LEU B 384 -7.06 0.79 -12.81
CA LEU B 384 -6.04 -0.06 -12.19
C LEU B 384 -5.96 0.12 -10.66
N ILE B 385 -5.91 -1.01 -9.97
CA ILE B 385 -5.63 -1.06 -8.54
C ILE B 385 -4.12 -0.84 -8.39
N LYS B 386 -3.74 0.20 -7.67
CA LYS B 386 -2.34 0.62 -7.61
C LYS B 386 -2.19 1.48 -6.37
N PRO B 387 -0.95 1.76 -5.95
CA PRO B 387 0.28 1.26 -6.54
C PRO B 387 0.68 -0.07 -5.92
N GLY B 388 1.91 -0.50 -6.19
CA GLY B 388 2.48 -1.70 -5.60
C GLY B 388 2.20 -3.01 -6.31
N GLY B 390 1.93 -5.82 -4.21
CA GLY B 390 1.30 -6.67 -3.21
C GLY B 390 -0.19 -6.89 -3.40
N PHE B 391 -0.80 -6.05 -4.25
CA PHE B 391 -2.22 -6.05 -4.55
C PHE B 391 -3.12 -5.57 -3.39
N ASP B 392 -2.95 -6.17 -2.22
CA ASP B 392 -3.84 -5.87 -1.11
C ASP B 392 -3.83 -4.38 -0.80
N GLU B 393 -2.64 -3.82 -0.73
CA GLU B 393 -2.47 -2.43 -0.35
C GLU B 393 -3.11 -1.52 -1.38
N GLY B 394 -2.88 -1.78 -2.66
CA GLY B 394 -3.49 -1.00 -3.72
C GLY B 394 -5.00 -1.07 -3.69
N LEU B 395 -5.55 -2.23 -3.39
CA LEU B 395 -7.00 -2.35 -3.35
C LEU B 395 -7.55 -1.52 -2.21
N ASN B 396 -6.91 -1.63 -1.04
CA ASN B 396 -7.29 -0.83 0.10
C ASN B 396 -7.32 0.67 -0.28
N ILE B 397 -6.26 1.13 -0.94
CA ILE B 397 -6.16 2.52 -1.33
C ILE B 397 -7.23 2.94 -2.31
N VAL B 398 -7.39 2.17 -3.38
CA VAL B 398 -8.27 2.59 -4.47
C VAL B 398 -9.74 2.31 -4.15
N PHE B 399 -10.05 1.09 -3.75
CA PHE B 399 -11.44 0.73 -3.48
C PHE B 399 -12.00 1.58 -2.35
N ASN B 400 -11.25 1.73 -1.26
CA ASN B 400 -11.81 2.44 -0.12
C ASN B 400 -11.95 3.94 -0.37
N GLU B 401 -11.00 4.55 -1.06
CA GLU B 401 -11.18 5.95 -1.42
C GLU B 401 -12.40 6.10 -2.30
N ASN B 403 -15.16 4.24 -2.46
CA ASN B 403 -16.39 4.10 -1.71
C ASN B 403 -16.59 5.23 -0.69
N ARG B 404 -15.51 5.70 -0.08
CA ARG B 404 -15.64 6.87 0.81
C ARG B 404 -16.17 8.06 0.02
N THR B 405 -15.62 8.25 -1.17
CA THR B 405 -15.96 9.41 -1.97
C THR B 405 -17.39 9.34 -2.48
N ILE B 406 -17.82 8.16 -2.90
CA ILE B 406 -19.21 7.99 -3.30
C ILE B 406 -20.15 8.35 -2.14
N ALA B 407 -19.80 7.90 -0.93
CA ALA B 407 -20.62 8.22 0.23
C ALA B 407 -20.69 9.72 0.48
N LEU B 408 -19.58 10.43 0.33
CA LEU B 408 -19.58 11.87 0.52
C LEU B 408 -20.43 12.53 -0.53
N LEU B 409 -20.33 12.09 -1.77
CA LEU B 409 -21.09 12.70 -2.85
C LEU B 409 -22.59 12.53 -2.62
N GLN B 410 -22.97 11.42 -2.01
CA GLN B 410 -24.38 11.11 -1.73
C GLN B 410 -24.96 11.96 -0.58
N THR B 411 -24.13 12.72 0.12
CA THR B 411 -24.62 13.56 1.20
C THR B 411 -25.33 14.80 0.64
#